data_4EEZ
#
_entry.id   4EEZ
#
_cell.length_a   124.396
_cell.length_b   126.546
_cell.length_c   94.225
_cell.angle_alpha   90.000
_cell.angle_beta   90.000
_cell.angle_gamma   90.000
#
_symmetry.space_group_name_H-M   'C 2 2 21'
#
loop_
_entity.id
_entity.type
_entity.pdbx_description
1 polymer 'Alcohol dehydrogenase 1'
2 non-polymer 'ZINC ION'
3 non-polymer 'TETRAETHYLENE GLYCOL'
4 water water
#
_entity_poly.entity_id   1
_entity_poly.type   'polypeptide(L)'
_entity_poly.pdbx_seq_one_letter_code
;MKAAVVRHNPDGYADLVEKELRAIKPNEALLDMEYCGVCHTDLHVAAGDFGNKAGTVLGHEGIGIVKEIGADVSSLQVGD
RVSVAWFFEGCGHCEYCVSGNETFCREVKNAGYSVDGGMAEEAIVVADYAVKVPDGLDPIEASSITCAGVTTYKAIKVSG
VKPGDWQVIFGAGGLGNLAIQYAKNVFGAKVIAVDINQDKLNLAKKIGADVTINSGDVNPVDEIKKITGGLGVQSAIVCA
VARIAFEQAVASLKPMGKMVAVAVPNTEMTLSVPTVVFDGVEVAGSLVGTRLDLAEAFQFGAEGKVKPIVATRKLEEIND
IIDEMKAGKIEGRMVIDFTKLEHHHHHH
;
_entity_poly.pdbx_strand_id   A,B
#
loop_
_chem_comp.id
_chem_comp.type
_chem_comp.name
_chem_comp.formula
PG4 non-polymer 'TETRAETHYLENE GLYCOL' 'C8 H18 O5'
ZN non-polymer 'ZINC ION' 'Zn 2'
#
# COMPACT_ATOMS: atom_id res chain seq x y z
N MET A 1 -25.82 34.55 -15.14
CA MET A 1 -24.33 34.79 -15.24
C MET A 1 -23.74 33.74 -16.18
N LYS A 2 -22.47 33.90 -16.59
CA LYS A 2 -21.83 33.00 -17.57
C LYS A 2 -21.16 31.85 -16.79
N ALA A 3 -21.36 30.61 -17.27
CA ALA A 3 -20.77 29.39 -16.71
C ALA A 3 -20.20 28.46 -17.81
N ALA A 4 -19.19 27.65 -17.47
CA ALA A 4 -18.71 26.57 -18.33
C ALA A 4 -19.31 25.32 -17.77
N VAL A 5 -20.00 24.54 -18.60
CA VAL A 5 -20.70 23.36 -18.12
C VAL A 5 -20.37 22.10 -18.93
N VAL A 6 -20.60 20.94 -18.34
CA VAL A 6 -20.50 19.64 -19.05
C VAL A 6 -21.52 19.65 -20.18
N ARG A 7 -21.09 19.23 -21.37
CA ARG A 7 -22.00 19.21 -22.53
C ARG A 7 -23.12 18.18 -22.39
N HIS A 8 -24.21 18.43 -23.11
CA HIS A 8 -25.36 17.54 -23.10
C HIS A 8 -24.97 16.09 -23.42
N ASN A 9 -24.09 15.91 -24.41
CA ASN A 9 -23.48 14.61 -24.71
CA ASN A 9 -23.49 14.62 -24.67
C ASN A 9 -21.99 14.71 -24.34
N PRO A 10 -21.59 14.27 -23.09
CA PRO A 10 -20.21 14.65 -22.71
C PRO A 10 -19.11 14.26 -23.69
N ASP A 11 -18.31 15.23 -24.15
CA ASP A 11 -17.34 14.90 -25.18
C ASP A 11 -15.95 15.34 -24.83
N GLY A 12 -15.69 15.69 -23.56
CA GLY A 12 -14.35 16.11 -23.11
C GLY A 12 -14.25 17.64 -23.04
N TYR A 13 -15.29 18.36 -23.48
CA TYR A 13 -15.21 19.88 -23.63
C TYR A 13 -16.34 20.63 -22.89
N ALA A 14 -16.29 21.95 -22.80
CA ALA A 14 -17.34 22.69 -22.12
C ALA A 14 -18.25 23.44 -23.13
N ASP A 15 -19.51 23.66 -22.75
CA ASP A 15 -20.37 24.69 -23.32
C ASP A 15 -20.31 25.92 -22.43
N LEU A 16 -20.31 27.11 -23.02
CA LEU A 16 -20.46 28.36 -22.26
C LEU A 16 -21.91 28.80 -22.33
N VAL A 17 -22.56 28.84 -21.15
CA VAL A 17 -24.00 29.09 -21.06
C VAL A 17 -24.30 30.22 -20.04
N GLU A 18 -25.55 30.68 -20.07
CA GLU A 18 -26.05 31.67 -19.15
C GLU A 18 -26.91 30.92 -18.16
N LYS A 19 -26.57 31.02 -16.88
CA LYS A 19 -27.23 30.26 -15.82
C LYS A 19 -27.68 31.23 -14.73
N GLU A 20 -28.81 30.95 -14.11
CA GLU A 20 -29.26 31.78 -13.04
C GLU A 20 -29.27 30.94 -11.77
N LEU A 21 -28.55 31.39 -10.72
CA LEU A 21 -28.38 30.52 -9.56
C LEU A 21 -29.63 30.52 -8.71
N ARG A 22 -29.96 29.38 -8.11
CA ARG A 22 -31.12 29.32 -7.18
C ARG A 22 -30.82 30.22 -5.94
N ALA A 23 -31.83 30.45 -5.08
CA ALA A 23 -31.62 31.28 -3.90
C ALA A 23 -30.78 30.45 -2.91
N ILE A 24 -30.00 31.10 -2.05
CA ILE A 24 -29.16 30.34 -1.09
C ILE A 24 -29.94 29.85 0.11
N LYS A 25 -29.51 28.74 0.70
CA LYS A 25 -30.16 28.18 1.90
C LYS A 25 -29.53 28.82 3.14
N PRO A 26 -30.06 28.55 4.35
CA PRO A 26 -29.55 29.32 5.49
C PRO A 26 -28.10 29.03 5.90
N ASN A 27 -27.54 27.90 5.47
CA ASN A 27 -26.17 27.57 5.78
C ASN A 27 -25.24 27.85 4.56
N GLU A 28 -25.72 28.57 3.56
CA GLU A 28 -24.92 28.76 2.35
C GLU A 28 -24.42 30.17 2.15
N ALA A 29 -23.48 30.37 1.22
CA ALA A 29 -23.07 31.73 0.87
C ALA A 29 -23.07 31.81 -0.64
N LEU A 30 -23.34 33.01 -1.16
CA LEU A 30 -23.18 33.27 -2.57
C LEU A 30 -21.88 34.00 -2.81
N LEU A 31 -21.08 33.50 -3.77
CA LEU A 31 -19.78 34.12 -4.19
C LEU A 31 -19.89 34.80 -5.52
N ASP A 32 -19.26 35.97 -5.61
CA ASP A 32 -18.80 36.53 -6.88
C ASP A 32 -17.41 36.00 -7.14
N MET A 33 -17.29 35.19 -8.18
CA MET A 33 -16.02 34.48 -8.38
C MET A 33 -14.98 35.43 -8.83
N GLU A 34 -13.76 35.21 -8.38
CA GLU A 34 -12.60 35.89 -8.90
C GLU A 34 -11.80 35.05 -9.90
N TYR A 35 -11.53 33.76 -9.59
CA TYR A 35 -10.62 32.89 -10.35
C TYR A 35 -11.09 31.48 -10.25
N CYS A 36 -10.85 30.68 -11.27
CA CYS A 36 -11.03 29.21 -11.11
C CYS A 36 -9.96 28.50 -11.97
N GLY A 37 -9.08 27.71 -11.35
CA GLY A 37 -8.07 27.02 -12.13
C GLY A 37 -8.69 25.90 -12.92
N VAL A 38 -8.06 25.52 -14.04
CA VAL A 38 -8.44 24.32 -14.78
C VAL A 38 -7.59 23.10 -14.37
N CYS A 39 -8.21 22.00 -13.98
CA CYS A 39 -7.50 20.80 -13.44
C CYS A 39 -7.80 19.64 -14.38
N HIS A 40 -6.89 18.68 -14.46
CA HIS A 40 -7.12 17.53 -15.34
C HIS A 40 -8.42 16.84 -14.92
N THR A 41 -8.79 16.90 -13.66
CA THR A 41 -10.04 16.23 -13.27
C THR A 41 -11.27 16.86 -13.98
N ASP A 42 -11.31 18.18 -14.15
CA ASP A 42 -12.36 18.80 -15.04
C ASP A 42 -12.44 18.11 -16.39
N LEU A 43 -11.31 17.85 -17.03
CA LEU A 43 -11.31 17.14 -18.32
C LEU A 43 -11.84 15.73 -18.22
N HIS A 44 -11.43 14.99 -17.17
CA HIS A 44 -12.06 13.63 -16.98
C HIS A 44 -13.57 13.74 -16.77
N VAL A 45 -14.00 14.75 -16.01
CA VAL A 45 -15.45 14.87 -15.73
C VAL A 45 -16.16 15.16 -17.06
N ALA A 46 -15.69 16.16 -17.81
CA ALA A 46 -16.32 16.59 -19.06
C ALA A 46 -16.34 15.51 -20.17
N ALA A 47 -15.41 14.56 -20.05
CA ALA A 47 -15.29 13.37 -20.97
C ALA A 47 -16.26 12.26 -20.59
N GLY A 48 -16.90 12.39 -19.45
CA GLY A 48 -17.83 11.32 -19.04
C GLY A 48 -17.14 10.15 -18.33
N ASP A 49 -15.85 10.30 -18.00
CA ASP A 49 -15.10 9.20 -17.37
C ASP A 49 -15.75 8.71 -16.08
N PHE A 50 -16.36 9.64 -15.35
CA PHE A 50 -17.03 9.27 -14.12
C PHE A 50 -18.55 9.33 -14.18
N GLY A 51 -19.10 9.04 -15.36
CA GLY A 51 -20.53 9.17 -15.56
C GLY A 51 -20.99 10.49 -16.17
N ASN A 52 -22.26 10.51 -16.62
CA ASN A 52 -22.80 11.61 -17.38
C ASN A 52 -23.24 12.76 -16.47
N LYS A 53 -22.52 13.90 -16.46
CA LYS A 53 -22.89 15.02 -15.57
C LYS A 53 -23.29 16.22 -16.40
N ALA A 54 -24.00 15.94 -17.50
CA ALA A 54 -24.42 16.96 -18.38
C ALA A 54 -25.04 18.17 -17.65
N GLY A 55 -24.66 19.39 -18.01
CA GLY A 55 -25.30 20.58 -17.38
C GLY A 55 -24.62 21.11 -16.09
N THR A 56 -23.80 20.31 -15.47
CA THR A 56 -23.11 20.72 -14.18
C THR A 56 -22.00 21.75 -14.47
N VAL A 57 -21.89 22.79 -13.65
CA VAL A 57 -20.87 23.77 -13.80
C VAL A 57 -19.55 23.11 -13.39
N LEU A 58 -18.49 23.29 -14.20
CA LEU A 58 -17.22 22.66 -13.97
C LEU A 58 -16.43 23.48 -12.94
N GLY A 59 -15.30 22.97 -12.49
CA GLY A 59 -14.37 23.86 -11.76
C GLY A 59 -14.30 23.53 -10.26
N HIS A 60 -13.13 23.22 -9.74
CA HIS A 60 -13.01 23.03 -8.32
C HIS A 60 -11.65 23.53 -7.87
N GLU A 61 -11.20 24.62 -8.52
CA GLU A 61 -10.06 25.40 -8.03
C GLU A 61 -10.55 26.85 -7.93
N GLY A 62 -11.72 27.05 -7.30
CA GLY A 62 -12.37 28.36 -7.34
C GLY A 62 -11.95 29.23 -6.17
N ILE A 63 -11.80 30.54 -6.44
CA ILE A 63 -11.54 31.55 -5.41
C ILE A 63 -12.59 32.68 -5.63
N GLY A 64 -13.31 33.04 -4.60
CA GLY A 64 -14.35 34.12 -4.77
C GLY A 64 -14.63 34.87 -3.52
N ILE A 65 -15.43 35.92 -3.65
CA ILE A 65 -15.68 36.90 -2.56
C ILE A 65 -17.13 36.74 -2.14
N VAL A 66 -17.37 36.51 -0.88
CA VAL A 66 -18.72 36.33 -0.37
C VAL A 66 -19.59 37.58 -0.59
N LYS A 67 -20.69 37.43 -1.31
CA LYS A 67 -21.54 38.51 -1.63
C LYS A 67 -22.83 38.51 -0.74
N GLU A 68 -23.30 37.32 -0.35
CA GLU A 68 -24.51 37.14 0.42
C GLU A 68 -24.29 35.90 1.32
N ILE A 69 -24.84 35.92 2.53
CA ILE A 69 -24.80 34.72 3.41
C ILE A 69 -26.21 34.31 3.83
N GLY A 70 -26.41 33.03 4.08
CA GLY A 70 -27.63 32.59 4.71
C GLY A 70 -27.78 33.08 6.16
N ALA A 71 -29.00 33.00 6.66
CA ALA A 71 -29.37 33.43 8.03
C ALA A 71 -28.62 32.70 9.14
N ASP A 72 -28.20 31.44 8.92
CA ASP A 72 -27.46 30.69 9.92
C ASP A 72 -25.97 30.79 9.81
N VAL A 73 -25.45 31.55 8.84
CA VAL A 73 -23.99 31.53 8.65
C VAL A 73 -23.28 32.45 9.67
N SER A 74 -22.31 31.87 10.41
CA SER A 74 -21.48 32.59 11.39
C SER A 74 -19.98 32.47 11.01
N SER A 75 -19.65 31.45 10.22
CA SER A 75 -18.25 31.23 9.89
C SER A 75 -17.80 32.21 8.83
N LEU A 76 -18.69 32.70 7.97
CA LEU A 76 -18.22 33.67 6.95
C LEU A 76 -18.96 34.99 7.07
N GLN A 77 -18.38 36.05 6.58
CA GLN A 77 -19.15 37.29 6.41
C GLN A 77 -18.98 37.84 5.00
N VAL A 78 -19.88 38.72 4.58
CA VAL A 78 -19.78 39.37 3.29
C VAL A 78 -18.40 40.00 3.11
N GLY A 79 -17.79 39.83 1.94
CA GLY A 79 -16.47 40.39 1.74
C GLY A 79 -15.33 39.38 1.98
N ASP A 80 -15.59 38.29 2.72
CA ASP A 80 -14.55 37.22 2.87
C ASP A 80 -14.15 36.61 1.56
N ARG A 81 -12.83 36.38 1.39
CA ARG A 81 -12.38 35.56 0.28
C ARG A 81 -12.28 34.05 0.64
N VAL A 82 -12.96 33.23 -0.15
CA VAL A 82 -13.05 31.78 0.13
C VAL A 82 -12.80 30.93 -1.11
N SER A 83 -12.73 29.62 -0.91
CA SER A 83 -12.37 28.66 -1.96
C SER A 83 -13.52 27.69 -2.28
N VAL A 84 -13.46 27.15 -3.51
CA VAL A 84 -14.43 26.19 -3.97
C VAL A 84 -13.54 25.05 -4.49
N ALA A 85 -13.44 24.02 -3.65
CA ALA A 85 -12.53 22.88 -3.88
C ALA A 85 -13.29 21.61 -4.22
N TRP A 86 -12.54 20.60 -4.63
CA TRP A 86 -13.19 19.33 -5.03
C TRP A 86 -14.09 18.88 -3.84
N PHE A 87 -13.47 18.86 -2.66
CA PHE A 87 -14.26 18.44 -1.43
C PHE A 87 -15.16 19.61 -1.07
N PHE A 88 -16.40 19.57 -1.51
CA PHE A 88 -17.24 20.80 -1.45
C PHE A 88 -18.15 20.68 -0.25
N GLU A 89 -18.61 19.48 0.06
CA GLU A 89 -19.40 19.24 1.27
C GLU A 89 -19.37 17.75 1.69
N GLY A 90 -19.17 17.45 3.00
CA GLY A 90 -19.28 16.08 3.51
C GLY A 90 -20.43 16.05 4.46
N CYS A 91 -20.90 14.85 4.85
CA CYS A 91 -22.06 14.69 5.72
C CYS A 91 -21.76 15.18 7.14
N GLY A 92 -20.51 15.10 7.61
CA GLY A 92 -20.16 15.57 8.96
C GLY A 92 -20.20 14.49 10.02
N HIS A 93 -20.87 13.37 9.79
CA HIS A 93 -21.14 12.46 10.94
C HIS A 93 -20.82 11.00 10.69
N CYS A 94 -20.32 10.70 9.49
CA CYS A 94 -20.03 9.30 9.19
C CYS A 94 -18.61 8.97 9.73
N GLU A 95 -18.20 7.74 9.63
CA GLU A 95 -16.95 7.31 10.25
C GLU A 95 -15.81 7.95 9.54
N TYR A 96 -15.95 8.34 8.27
CA TYR A 96 -14.87 9.14 7.57
C TYR A 96 -14.81 10.58 8.01
N CYS A 97 -15.97 11.23 8.05
CA CYS A 97 -16.00 12.65 8.49
C CYS A 97 -15.55 12.84 9.98
N VAL A 98 -15.73 11.84 10.84
CA VAL A 98 -15.51 11.99 12.30
C VAL A 98 -14.10 11.52 12.70
N SER A 99 -13.40 10.83 11.79
CA SER A 99 -12.07 10.30 12.09
C SER A 99 -10.96 11.08 11.42
N GLY A 100 -11.27 12.27 10.87
CA GLY A 100 -10.18 13.06 10.21
C GLY A 100 -9.87 12.70 8.75
N ASN A 101 -10.80 12.00 8.12
CA ASN A 101 -10.72 11.45 6.79
C ASN A 101 -11.92 11.87 5.91
N GLU A 102 -12.35 13.13 6.00
CA GLU A 102 -13.66 13.50 5.47
C GLU A 102 -13.70 13.44 3.96
N THR A 103 -12.56 13.50 3.21
CA THR A 103 -12.75 13.43 1.75
C THR A 103 -13.26 12.08 1.25
N PHE A 104 -13.14 11.06 2.08
CA PHE A 104 -13.68 9.76 1.69
C PHE A 104 -15.18 9.58 2.02
N CYS A 105 -15.81 10.62 2.54
CA CYS A 105 -17.25 10.58 2.83
C CYS A 105 -18.01 9.95 1.63
N ARG A 106 -18.78 8.90 1.85
CA ARG A 106 -19.57 8.31 0.73
C ARG A 106 -20.70 9.26 0.27
N GLU A 107 -21.10 10.23 1.13
CA GLU A 107 -22.13 11.19 0.74
C GLU A 107 -21.50 12.50 0.29
N VAL A 108 -20.20 12.48 -0.03
CA VAL A 108 -19.51 13.71 -0.45
C VAL A 108 -20.22 14.40 -1.61
N LYS A 109 -20.23 15.76 -1.61
CA LYS A 109 -20.52 16.54 -2.81
C LYS A 109 -19.17 17.05 -3.30
N ASN A 110 -18.97 16.90 -4.60
CA ASN A 110 -17.76 17.32 -5.29
C ASN A 110 -17.97 18.40 -6.31
N ALA A 111 -17.37 19.58 -6.08
CA ALA A 111 -17.55 20.74 -6.95
C ALA A 111 -17.15 20.40 -8.34
N GLY A 112 -18.00 20.76 -9.31
CA GLY A 112 -17.59 20.49 -10.69
C GLY A 112 -17.85 19.04 -11.13
N TYR A 113 -18.61 18.31 -10.35
CA TYR A 113 -18.87 16.91 -10.66
C TYR A 113 -20.25 16.55 -10.22
N SER A 114 -20.46 16.49 -8.91
CA SER A 114 -21.77 16.14 -8.39
C SER A 114 -22.47 17.38 -7.84
N VAL A 115 -21.85 18.56 -7.93
CA VAL A 115 -22.55 19.77 -7.59
C VAL A 115 -21.88 20.85 -8.42
N ASP A 116 -22.62 21.89 -8.80
CA ASP A 116 -22.02 22.97 -9.59
C ASP A 116 -20.75 23.49 -8.94
N GLY A 117 -19.73 23.80 -9.76
CA GLY A 117 -18.41 24.13 -9.27
C GLY A 117 -18.15 25.62 -9.44
N GLY A 118 -16.88 25.97 -9.47
CA GLY A 118 -16.50 27.38 -9.58
C GLY A 118 -16.13 28.02 -10.90
N MET A 119 -16.27 27.30 -12.04
CA MET A 119 -15.94 27.85 -13.33
C MET A 119 -17.13 28.65 -13.92
N ALA A 120 -17.51 29.72 -13.21
CA ALA A 120 -18.67 30.55 -13.56
C ALA A 120 -18.50 31.85 -12.81
N GLU A 121 -19.26 32.87 -13.20
CA GLU A 121 -19.11 34.14 -12.57
C GLU A 121 -19.56 34.15 -11.10
N GLU A 122 -20.49 33.25 -10.73
CA GLU A 122 -20.99 33.15 -9.36
C GLU A 122 -21.05 31.70 -8.99
N ALA A 123 -21.05 31.40 -7.67
CA ALA A 123 -21.17 30.07 -7.16
C ALA A 123 -21.78 30.13 -5.80
N ILE A 124 -22.57 29.12 -5.54
CA ILE A 124 -23.07 28.88 -4.19
C ILE A 124 -22.10 27.89 -3.46
N VAL A 125 -21.78 28.19 -2.20
CA VAL A 125 -20.99 27.25 -1.37
C VAL A 125 -21.76 27.04 -0.09
N VAL A 126 -21.46 25.92 0.52
CA VAL A 126 -21.78 25.68 1.90
C VAL A 126 -20.73 26.36 2.80
N ALA A 127 -21.17 27.32 3.60
CA ALA A 127 -20.28 28.26 4.23
C ALA A 127 -19.24 27.60 5.13
N ASP A 128 -19.63 26.63 5.94
CA ASP A 128 -18.69 26.02 6.88
C ASP A 128 -17.74 25.07 6.13
N TYR A 129 -18.00 24.85 4.84
CA TYR A 129 -17.09 23.99 4.03
C TYR A 129 -16.27 24.79 3.04
N ALA A 130 -16.42 26.10 3.01
CA ALA A 130 -15.68 26.97 2.08
C ALA A 130 -14.47 27.63 2.75
N VAL A 131 -13.28 27.04 2.57
CA VAL A 131 -12.11 27.37 3.45
C VAL A 131 -11.62 28.78 3.04
N LYS A 132 -11.46 29.67 4.01
CA LYS A 132 -11.01 31.05 3.76
C LYS A 132 -9.59 31.05 3.24
N VAL A 133 -9.33 32.00 2.34
CA VAL A 133 -8.01 32.13 1.82
C VAL A 133 -7.30 33.21 2.75
N PRO A 134 -6.14 32.85 3.37
CA PRO A 134 -5.43 33.80 4.28
C PRO A 134 -4.96 35.07 3.54
N ASP A 135 -4.88 36.22 4.25
CA ASP A 135 -4.30 37.39 3.60
C ASP A 135 -2.82 37.07 3.53
N GLY A 136 -2.20 37.65 2.53
CA GLY A 136 -0.81 37.38 2.34
C GLY A 136 -0.73 36.28 1.30
N LEU A 137 -1.85 35.68 0.89
CA LEU A 137 -1.76 34.74 -0.22
C LEU A 137 -2.49 35.35 -1.44
N ASP A 138 -1.75 35.61 -2.50
CA ASP A 138 -2.34 36.06 -3.81
C ASP A 138 -3.53 35.14 -4.27
N PRO A 139 -4.70 35.74 -4.60
CA PRO A 139 -5.84 34.90 -4.97
C PRO A 139 -5.58 34.00 -6.15
N ILE A 140 -4.77 34.44 -7.11
CA ILE A 140 -4.48 33.59 -8.30
C ILE A 140 -3.67 32.35 -7.90
N GLU A 141 -2.75 32.59 -6.98
CA GLU A 141 -1.99 31.48 -6.42
C GLU A 141 -2.86 30.57 -5.59
N ALA A 142 -3.80 31.17 -4.85
CA ALA A 142 -4.68 30.36 -3.98
C ALA A 142 -5.49 29.41 -4.82
N SER A 143 -5.89 29.84 -6.00
CA SER A 143 -6.65 28.91 -6.88
C SER A 143 -5.91 27.60 -7.12
N SER A 144 -4.61 27.65 -7.38
CA SER A 144 -3.90 26.35 -7.59
C SER A 144 -3.79 25.48 -6.34
N ILE A 145 -3.57 26.12 -5.22
CA ILE A 145 -3.45 25.43 -3.94
C ILE A 145 -4.80 24.80 -3.59
N THR A 146 -5.90 25.42 -4.07
CA THR A 146 -7.21 24.81 -3.78
C THR A 146 -7.36 23.39 -4.35
N CYS A 147 -6.70 23.04 -5.46
CA CYS A 147 -6.69 21.62 -5.80
C CYS A 147 -5.28 21.04 -5.96
N ALA A 148 -4.52 21.48 -7.00
CA ALA A 148 -3.16 21.02 -7.14
C ALA A 148 -2.43 21.00 -5.80
N GLY A 149 -2.46 22.08 -5.03
CA GLY A 149 -1.52 22.14 -3.92
C GLY A 149 -1.99 21.30 -2.76
N VAL A 150 -3.23 21.44 -2.34
CA VAL A 150 -3.67 20.61 -1.24
C VAL A 150 -3.59 19.06 -1.59
N THR A 151 -3.91 18.69 -2.82
CA THR A 151 -3.83 17.24 -3.26
C THR A 151 -2.38 16.73 -3.05
N THR A 152 -1.39 17.47 -3.53
CA THR A 152 0.00 16.96 -3.45
C THR A 152 0.59 17.06 -2.02
N TYR A 153 0.25 18.11 -1.27
CA TYR A 153 0.60 18.29 0.14
C TYR A 153 0.07 17.10 0.98
N LYS A 154 -1.18 16.78 0.75
CA LYS A 154 -1.78 15.64 1.47
C LYS A 154 -1.17 14.32 0.94
N ALA A 155 -0.89 14.23 -0.38
CA ALA A 155 -0.29 12.98 -0.90
C ALA A 155 1.10 12.83 -0.25
N ILE A 156 1.79 13.90 0.02
CA ILE A 156 3.14 13.75 0.56
C ILE A 156 3.00 13.34 2.01
N LYS A 157 2.00 13.90 2.72
CA LYS A 157 1.78 13.32 4.10
C LYS A 157 1.54 11.78 4.07
N VAL A 158 0.65 11.34 3.18
CA VAL A 158 0.29 9.91 3.03
C VAL A 158 1.52 9.01 2.68
N SER A 159 2.47 9.54 1.88
CA SER A 159 3.67 8.81 1.53
C SER A 159 4.55 8.48 2.76
N GLY A 160 4.43 9.29 3.80
CA GLY A 160 5.23 9.08 4.98
C GLY A 160 6.67 9.49 4.81
N VAL A 161 6.99 10.33 3.79
CA VAL A 161 8.36 10.80 3.65
C VAL A 161 8.73 11.65 4.91
N LYS A 162 10.01 11.62 5.28
CA LYS A 162 10.49 12.37 6.41
C LYS A 162 11.61 13.21 5.84
N PRO A 163 11.97 14.28 6.56
CA PRO A 163 13.05 15.09 6.05
C PRO A 163 14.34 14.29 5.80
N GLY A 164 15.05 14.63 4.73
CA GLY A 164 16.23 13.90 4.35
C GLY A 164 15.97 12.64 3.46
N ASP A 165 14.77 12.07 3.46
CA ASP A 165 14.43 10.88 2.52
C ASP A 165 14.46 11.33 1.05
N TRP A 166 14.71 10.37 0.15
CA TRP A 166 14.55 10.65 -1.28
C TRP A 166 13.16 10.36 -1.70
N GLN A 167 12.55 11.32 -2.40
CA GLN A 167 11.21 11.11 -2.91
C GLN A 167 11.21 11.45 -4.43
N VAL A 168 10.52 10.66 -5.25
CA VAL A 168 10.40 11.02 -6.70
C VAL A 168 8.98 11.49 -7.02
N ILE A 169 8.87 12.50 -7.87
CA ILE A 169 7.59 12.98 -8.34
C ILE A 169 7.58 12.61 -9.85
N PHE A 170 6.65 11.76 -10.25
CA PHE A 170 6.39 11.41 -11.67
C PHE A 170 5.37 12.40 -12.23
N GLY A 171 5.79 13.20 -13.21
CA GLY A 171 4.90 14.19 -13.88
C GLY A 171 5.25 15.53 -13.25
N ALA A 172 5.76 16.47 -14.02
CA ALA A 172 6.05 17.83 -13.55
C ALA A 172 5.09 18.89 -14.16
N GLY A 173 3.82 18.53 -14.32
CA GLY A 173 2.75 19.45 -14.74
C GLY A 173 2.22 20.29 -13.57
N GLY A 174 0.97 20.71 -13.67
CA GLY A 174 0.33 21.49 -12.65
C GLY A 174 0.41 20.82 -11.28
N LEU A 175 -0.05 19.58 -11.19
CA LEU A 175 0.09 18.87 -9.92
C LEU A 175 1.56 18.70 -9.57
N GLY A 176 2.36 18.06 -10.45
CA GLY A 176 3.74 17.64 -10.07
C GLY A 176 4.64 18.82 -9.72
N ASN A 177 4.51 19.95 -10.40
CA ASN A 177 5.29 21.19 -10.04
C ASN A 177 5.03 21.57 -8.57
N LEU A 178 3.76 21.58 -8.13
CA LEU A 178 3.48 21.96 -6.74
C LEU A 178 3.99 20.89 -5.76
N ALA A 179 3.85 19.59 -6.16
CA ALA A 179 4.31 18.50 -5.38
C ALA A 179 5.78 18.65 -5.09
N ILE A 180 6.54 19.06 -6.09
CA ILE A 180 7.99 19.26 -5.92
C ILE A 180 8.24 20.40 -4.94
N GLN A 181 7.51 21.52 -5.11
CA GLN A 181 7.67 22.64 -4.20
C GLN A 181 7.32 22.25 -2.76
N TYR A 182 6.23 21.49 -2.54
CA TYR A 182 5.93 21.10 -1.18
C TYR A 182 6.97 20.11 -0.66
N ALA A 183 7.32 19.08 -1.45
CA ALA A 183 8.19 17.99 -0.92
C ALA A 183 9.53 18.58 -0.46
N LYS A 184 10.07 19.46 -1.29
CA LYS A 184 11.33 20.09 -1.03
C LYS A 184 11.25 21.24 0.01
N ASN A 185 10.34 22.20 -0.18
CA ASN A 185 10.40 23.42 0.63
C ASN A 185 9.65 23.28 1.97
N VAL A 186 8.76 22.32 2.06
CA VAL A 186 7.94 22.17 3.26
C VAL A 186 8.33 20.88 4.00
N PHE A 187 8.44 19.76 3.28
CA PHE A 187 8.74 18.51 3.97
C PHE A 187 10.24 18.26 4.13
N GLY A 188 11.07 18.95 3.35
CA GLY A 188 12.51 18.71 3.44
C GLY A 188 13.00 17.40 2.80
N ALA A 189 12.28 16.90 1.79
CA ALA A 189 12.76 15.71 1.12
C ALA A 189 13.89 16.10 0.12
N LYS A 190 14.67 15.12 -0.27
CA LYS A 190 15.48 15.29 -1.48
C LYS A 190 14.60 14.80 -2.61
N VAL A 191 14.56 15.55 -3.68
CA VAL A 191 13.45 15.38 -4.68
C VAL A 191 13.95 15.09 -6.05
N ILE A 192 13.50 13.97 -6.66
CA ILE A 192 13.78 13.69 -8.07
C ILE A 192 12.48 14.02 -8.86
N ALA A 193 12.60 14.63 -10.03
CA ALA A 193 11.39 14.82 -10.88
C ALA A 193 11.53 14.07 -12.17
N VAL A 194 10.46 13.42 -12.58
CA VAL A 194 10.52 12.56 -13.75
C VAL A 194 9.38 12.95 -14.74
N ASP A 195 9.71 13.27 -15.99
CA ASP A 195 8.68 13.66 -16.97
C ASP A 195 9.31 13.42 -18.33
N ILE A 196 8.45 13.39 -19.35
CA ILE A 196 8.90 13.31 -20.74
C ILE A 196 9.12 14.67 -21.38
N ASN A 197 8.73 15.75 -20.72
CA ASN A 197 8.81 17.11 -21.31
C ASN A 197 9.96 17.89 -20.72
N GLN A 198 10.95 18.27 -21.52
CA GLN A 198 12.17 18.83 -20.95
C GLN A 198 11.97 20.23 -20.33
N ASP A 199 11.09 21.03 -20.93
CA ASP A 199 10.83 22.40 -20.44
C ASP A 199 10.16 22.31 -19.06
N LYS A 200 9.30 21.31 -18.85
CA LYS A 200 8.67 21.14 -17.53
C LYS A 200 9.74 20.68 -16.50
N LEU A 201 10.70 19.88 -16.96
CA LEU A 201 11.84 19.51 -16.10
C LEU A 201 12.76 20.69 -15.82
N ASN A 202 12.91 21.60 -16.77
CA ASN A 202 13.85 22.71 -16.60
C ASN A 202 13.27 23.64 -15.48
N LEU A 203 11.97 23.81 -15.55
CA LEU A 203 11.21 24.52 -14.53
C LEU A 203 11.25 23.79 -13.19
N ALA A 204 11.08 22.47 -13.20
CA ALA A 204 11.17 21.66 -11.96
C ALA A 204 12.54 21.90 -11.23
N LYS A 205 13.63 21.97 -11.99
CA LYS A 205 14.95 22.28 -11.43
C LYS A 205 14.97 23.68 -10.74
N LYS A 206 14.26 24.63 -11.32
CA LYS A 206 14.25 25.98 -10.74
C LYS A 206 13.40 26.12 -9.52
N ILE A 207 12.43 25.27 -9.36
CA ILE A 207 11.57 25.42 -8.20
C ILE A 207 11.82 24.41 -7.11
N GLY A 208 12.97 23.76 -7.14
CA GLY A 208 13.24 22.83 -6.05
C GLY A 208 13.66 21.38 -6.33
N ALA A 209 13.51 20.86 -7.56
CA ALA A 209 13.92 19.46 -7.83
C ALA A 209 15.45 19.32 -7.67
N ASP A 210 15.95 18.38 -6.86
CA ASP A 210 17.43 18.18 -6.80
C ASP A 210 18.03 17.54 -8.04
N VAL A 211 17.25 16.61 -8.65
CA VAL A 211 17.62 15.85 -9.83
C VAL A 211 16.40 15.74 -10.78
N THR A 212 16.63 15.97 -12.07
CA THR A 212 15.55 15.76 -13.03
C THR A 212 15.91 14.64 -13.96
N ILE A 213 14.87 13.90 -14.33
CA ILE A 213 15.05 12.74 -15.25
C ILE A 213 14.09 12.83 -16.40
N ASN A 214 14.64 12.98 -17.63
CA ASN A 214 13.80 12.92 -18.83
C ASN A 214 13.61 11.44 -19.18
N SER A 215 12.40 10.94 -18.99
CA SER A 215 12.16 9.56 -19.27
C SER A 215 11.79 9.21 -20.73
N GLY A 216 12.18 10.02 -21.74
CA GLY A 216 12.08 9.62 -23.19
C GLY A 216 13.48 9.35 -23.71
N ASP A 217 14.39 9.91 -22.92
CA ASP A 217 15.80 9.85 -23.10
C ASP A 217 16.39 8.68 -22.36
N VAL A 218 15.93 8.38 -21.13
CA VAL A 218 16.55 7.30 -20.30
C VAL A 218 15.53 6.34 -19.63
N ASN A 219 16.02 5.29 -18.97
CA ASN A 219 15.12 4.50 -18.14
C ASN A 219 15.13 5.14 -16.78
N PRO A 220 13.99 5.71 -16.37
CA PRO A 220 14.00 6.46 -15.10
C PRO A 220 14.34 5.55 -13.92
N VAL A 221 13.90 4.29 -14.00
CA VAL A 221 14.10 3.36 -12.89
C VAL A 221 15.60 3.13 -12.56
N ASP A 222 16.41 2.87 -13.60
CA ASP A 222 17.84 2.60 -13.45
C ASP A 222 18.54 3.83 -12.93
N GLU A 223 18.19 5.00 -13.49
CA GLU A 223 18.76 6.28 -13.07
C GLU A 223 18.46 6.57 -11.60
N ILE A 224 17.19 6.43 -11.22
CA ILE A 224 16.75 6.59 -9.82
C ILE A 224 17.55 5.70 -8.92
N LYS A 225 17.63 4.41 -9.21
CA LYS A 225 18.45 3.53 -8.41
C LYS A 225 19.90 4.06 -8.24
N LYS A 226 20.51 4.66 -9.28
CA LYS A 226 21.86 5.24 -9.15
C LYS A 226 21.91 6.50 -8.24
N ILE A 227 21.15 7.52 -8.59
CA ILE A 227 21.02 8.70 -7.75
C ILE A 227 21.00 8.38 -6.21
N THR A 228 20.32 7.30 -5.85
CA THR A 228 19.99 7.07 -4.45
C THR A 228 20.97 6.13 -3.76
N GLY A 229 22.02 5.75 -4.48
CA GLY A 229 23.04 4.91 -3.85
C GLY A 229 22.79 3.43 -4.04
N GLY A 230 21.75 3.07 -4.82
CA GLY A 230 21.53 1.65 -5.23
C GLY A 230 20.11 1.08 -4.99
N LEU A 231 19.42 1.55 -3.95
CA LEU A 231 18.18 0.92 -3.50
C LEU A 231 16.92 1.49 -4.06
N GLY A 232 16.92 2.80 -4.32
CA GLY A 232 15.75 3.47 -4.82
C GLY A 232 15.22 4.41 -3.74
N VAL A 233 14.04 4.97 -3.99
CA VAL A 233 13.52 6.07 -3.19
C VAL A 233 12.65 5.55 -2.08
N GLN A 234 12.45 6.41 -1.09
CA GLN A 234 11.56 6.08 0.00
C GLN A 234 10.09 6.19 -0.51
N SER A 235 9.81 7.10 -1.40
CA SER A 235 8.47 7.25 -1.94
C SER A 235 8.40 7.84 -3.30
N ALA A 236 7.23 7.59 -3.96
CA ALA A 236 6.99 8.09 -5.32
C ALA A 236 5.61 8.71 -5.35
N ILE A 237 5.43 9.96 -5.78
CA ILE A 237 4.09 10.61 -5.91
C ILE A 237 3.81 10.61 -7.45
N VAL A 238 2.75 9.95 -7.86
CA VAL A 238 2.44 9.85 -9.29
C VAL A 238 1.35 10.82 -9.66
N CYS A 239 1.82 11.87 -10.33
CA CYS A 239 1.03 13.02 -10.79
C CYS A 239 0.96 12.96 -12.31
N ALA A 240 1.23 11.79 -12.89
CA ALA A 240 1.35 11.68 -14.32
C ALA A 240 0.09 10.95 -14.80
N VAL A 241 -0.45 11.33 -15.95
CA VAL A 241 -1.58 10.56 -16.47
C VAL A 241 -1.20 9.24 -17.18
N ALA A 242 0.06 8.87 -17.30
CA ALA A 242 0.37 7.68 -18.09
C ALA A 242 0.41 6.44 -17.23
N ARG A 243 -0.20 5.33 -17.68
CA ARG A 243 -0.07 4.05 -16.99
C ARG A 243 1.41 3.68 -16.62
N ILE A 244 2.36 3.91 -17.55
CA ILE A 244 3.69 3.44 -17.31
C ILE A 244 4.39 4.17 -16.12
N ALA A 245 4.00 5.45 -15.87
CA ALA A 245 4.50 6.16 -14.71
C ALA A 245 4.17 5.45 -13.38
N PHE A 246 2.96 4.85 -13.30
CA PHE A 246 2.58 4.16 -12.10
C PHE A 246 3.43 2.97 -11.91
N GLU A 247 3.71 2.26 -13.00
CA GLU A 247 4.55 1.07 -12.92
C GLU A 247 6.06 1.39 -12.72
N GLN A 248 6.58 2.43 -13.38
CA GLN A 248 7.96 2.91 -13.06
C GLN A 248 8.10 3.33 -11.56
N ALA A 249 7.06 3.96 -11.03
CA ALA A 249 7.03 4.39 -9.65
C ALA A 249 7.21 3.25 -8.65
N VAL A 250 6.39 2.21 -8.79
CA VAL A 250 6.53 1.03 -7.91
C VAL A 250 7.99 0.51 -8.02
N ALA A 251 8.49 0.42 -9.27
CA ALA A 251 9.80 -0.19 -9.45
C ALA A 251 10.97 0.64 -8.90
N SER A 252 10.75 1.93 -8.69
CA SER A 252 11.82 2.81 -8.28
C SER A 252 11.96 2.83 -6.75
N LEU A 253 11.08 2.15 -6.01
CA LEU A 253 11.08 2.20 -4.52
C LEU A 253 12.08 1.27 -3.89
N LYS A 254 12.65 1.74 -2.77
CA LYS A 254 13.54 0.91 -1.95
C LYS A 254 12.55 0.05 -1.09
N PRO A 255 13.07 -0.96 -0.42
CA PRO A 255 12.21 -1.83 0.34
C PRO A 255 11.47 -1.04 1.45
N MET A 256 10.19 -1.33 1.63
CA MET A 256 9.33 -0.57 2.49
C MET A 256 8.93 0.83 1.95
N GLY A 257 9.40 1.23 0.74
CA GLY A 257 8.93 2.48 0.12
C GLY A 257 7.43 2.43 -0.25
N LYS A 258 6.86 3.59 -0.53
CA LYS A 258 5.44 3.71 -0.74
C LYS A 258 5.18 4.50 -2.00
N MET A 259 4.29 3.98 -2.85
CA MET A 259 3.84 4.77 -3.99
C MET A 259 2.47 5.38 -3.70
N VAL A 260 2.31 6.68 -3.94
CA VAL A 260 1.04 7.34 -3.68
C VAL A 260 0.49 7.85 -5.06
N ALA A 261 -0.64 7.32 -5.42
CA ALA A 261 -1.39 7.68 -6.71
C ALA A 261 -2.24 8.90 -6.41
N VAL A 262 -2.01 9.93 -7.20
CA VAL A 262 -2.71 11.19 -7.19
C VAL A 262 -3.52 11.43 -8.52
N ALA A 263 -2.88 11.21 -9.66
CA ALA A 263 -3.53 11.34 -10.97
C ALA A 263 -4.55 10.23 -11.14
N VAL A 264 -5.64 10.52 -11.86
CA VAL A 264 -6.71 9.55 -12.09
C VAL A 264 -6.97 9.33 -13.59
N PRO A 265 -5.93 8.98 -14.39
CA PRO A 265 -6.18 8.70 -15.82
C PRO A 265 -7.13 7.52 -15.85
N ASN A 266 -7.98 7.46 -16.88
CA ASN A 266 -8.91 6.33 -16.94
C ASN A 266 -8.24 5.03 -17.38
N THR A 267 -7.43 4.50 -16.45
CA THR A 267 -6.57 3.35 -16.74
C THR A 267 -6.44 2.39 -15.55
N GLU A 268 -6.13 1.15 -15.91
CA GLU A 268 -5.55 0.19 -14.99
C GLU A 268 -4.02 0.30 -14.95
N MET A 269 -3.41 -0.18 -13.86
CA MET A 269 -1.96 -0.31 -13.77
C MET A 269 -1.74 -1.74 -13.35
N THR A 270 -0.61 -2.27 -13.79
CA THR A 270 -0.13 -3.56 -13.33
C THR A 270 0.50 -3.41 -11.95
N LEU A 271 0.08 -4.27 -11.03
CA LEU A 271 0.67 -4.28 -9.71
C LEU A 271 1.61 -5.45 -9.57
N SER A 272 2.87 -5.15 -9.37
CA SER A 272 3.86 -6.17 -9.12
C SER A 272 3.73 -6.71 -7.69
N VAL A 273 2.93 -7.77 -7.51
CA VAL A 273 2.72 -8.39 -6.18
C VAL A 273 4.01 -8.94 -5.53
N PRO A 274 4.92 -9.55 -6.33
CA PRO A 274 6.19 -9.87 -5.69
C PRO A 274 6.88 -8.69 -5.04
N THR A 275 6.82 -7.48 -5.64
CA THR A 275 7.39 -6.30 -5.05
C THR A 275 6.72 -5.98 -3.71
N VAL A 276 5.38 -6.10 -3.60
CA VAL A 276 4.82 -5.76 -2.28
C VAL A 276 5.13 -6.84 -1.26
N VAL A 277 5.16 -8.14 -1.68
CA VAL A 277 5.40 -9.22 -0.74
C VAL A 277 6.86 -9.30 -0.28
N PHE A 278 7.81 -9.33 -1.23
CA PHE A 278 9.22 -9.55 -0.87
C PHE A 278 9.97 -8.28 -0.46
N ASP A 279 9.63 -7.11 -1.06
CA ASP A 279 10.35 -5.84 -0.74
C ASP A 279 9.57 -4.90 0.22
N GLY A 280 8.41 -5.35 0.69
CA GLY A 280 7.69 -4.57 1.66
C GLY A 280 7.05 -3.31 1.13
N VAL A 281 6.97 -3.19 -0.19
CA VAL A 281 6.53 -1.91 -0.73
C VAL A 281 5.00 -1.71 -0.60
N GLU A 282 4.56 -0.47 -0.43
CA GLU A 282 3.10 -0.12 -0.31
C GLU A 282 2.60 0.77 -1.43
N VAL A 283 1.35 0.55 -1.89
CA VAL A 283 0.73 1.41 -2.90
C VAL A 283 -0.55 2.00 -2.32
N ALA A 284 -0.76 3.35 -2.33
CA ALA A 284 -2.01 3.85 -1.76
C ALA A 284 -2.51 4.97 -2.65
N GLY A 285 -3.81 5.21 -2.61
CA GLY A 285 -4.30 6.42 -3.30
C GLY A 285 -4.50 7.49 -2.26
N SER A 286 -4.41 8.75 -2.67
CA SER A 286 -4.74 9.87 -1.77
C SER A 286 -5.77 10.76 -2.47
N LEU A 287 -6.76 11.31 -1.72
CA LEU A 287 -7.89 12.00 -2.39
C LEU A 287 -7.93 13.47 -1.82
N VAL A 288 -7.50 14.38 -2.65
CA VAL A 288 -7.45 15.81 -2.31
C VAL A 288 -6.98 15.96 -0.81
N GLY A 289 -7.67 16.76 0.01
CA GLY A 289 -7.29 16.94 1.43
C GLY A 289 -8.52 17.44 2.20
N THR A 290 -8.47 17.29 3.50
CA THR A 290 -9.57 17.72 4.28
C THR A 290 -9.51 19.29 4.33
N ARG A 291 -10.53 19.88 4.87
CA ARG A 291 -10.58 21.35 5.11
C ARG A 291 -9.35 21.84 5.90
N LEU A 292 -8.83 21.01 6.79
CA LEU A 292 -7.65 21.42 7.56
C LEU A 292 -6.33 21.29 6.75
N ASP A 293 -6.23 20.20 6.00
CA ASP A 293 -5.14 20.09 5.00
C ASP A 293 -5.09 21.30 4.08
N LEU A 294 -6.24 21.72 3.54
CA LEU A 294 -6.25 22.90 2.67
C LEU A 294 -5.81 24.17 3.42
N ALA A 295 -6.32 24.37 4.63
CA ALA A 295 -5.94 25.60 5.42
C ALA A 295 -4.38 25.57 5.62
N GLU A 296 -3.84 24.38 5.83
CA GLU A 296 -2.36 24.24 6.10
C GLU A 296 -1.65 24.55 4.78
N ALA A 297 -2.17 23.94 3.71
CA ALA A 297 -1.52 24.10 2.38
C ALA A 297 -1.52 25.62 2.00
N PHE A 298 -2.64 26.29 2.25
CA PHE A 298 -2.79 27.72 2.00
C PHE A 298 -1.77 28.52 2.83
N GLN A 299 -1.66 28.20 4.10
CA GLN A 299 -0.67 28.91 4.99
C GLN A 299 0.75 28.83 4.40
N PHE A 300 1.18 27.67 3.90
CA PHE A 300 2.49 27.59 3.22
C PHE A 300 2.62 28.50 2.03
N GLY A 301 1.55 28.68 1.24
CA GLY A 301 1.58 29.67 0.13
C GLY A 301 1.68 31.10 0.67
N ALA A 302 0.91 31.40 1.75
CA ALA A 302 0.92 32.74 2.36
C ALA A 302 2.31 33.06 2.85
N GLU A 303 3.00 32.05 3.35
CA GLU A 303 4.36 32.30 3.89
C GLU A 303 5.46 32.30 2.81
N GLY A 304 5.09 32.08 1.57
CA GLY A 304 6.09 32.11 0.51
C GLY A 304 6.88 30.78 0.47
N LYS A 305 6.49 29.74 1.21
CA LYS A 305 7.17 28.44 1.07
C LYS A 305 6.88 27.74 -0.25
N VAL A 306 5.67 27.96 -0.82
CA VAL A 306 5.39 27.52 -2.19
C VAL A 306 4.90 28.71 -3.00
N LYS A 307 5.17 28.68 -4.31
CA LYS A 307 4.70 29.70 -5.17
C LYS A 307 4.18 29.05 -6.50
N PRO A 308 2.87 28.82 -6.58
CA PRO A 308 2.22 28.28 -7.75
C PRO A 308 2.51 29.06 -8.98
N ILE A 309 2.84 28.36 -10.06
CA ILE A 309 3.13 29.07 -11.32
C ILE A 309 1.76 29.16 -12.01
N VAL A 310 1.34 30.37 -12.36
CA VAL A 310 -0.04 30.53 -12.86
C VAL A 310 -0.05 31.54 -14.01
N ALA A 311 -1.10 31.46 -14.87
CA ALA A 311 -1.37 32.41 -15.94
C ALA A 311 -2.92 32.47 -16.11
N THR A 312 -3.41 33.68 -16.31
CA THR A 312 -4.84 33.91 -16.37
C THR A 312 -5.27 33.81 -17.86
N ARG A 313 -6.53 33.40 -18.01
CA ARG A 313 -7.12 33.20 -19.31
C ARG A 313 -8.56 33.65 -19.17
N LYS A 314 -9.23 33.90 -20.29
CA LYS A 314 -10.64 34.18 -20.34
C LYS A 314 -11.52 32.92 -20.26
N LEU A 315 -12.69 33.01 -19.64
CA LEU A 315 -13.64 31.87 -19.62
C LEU A 315 -13.88 31.28 -21.04
N GLU A 316 -14.02 32.14 -22.01
CA GLU A 316 -14.31 31.74 -23.43
C GLU A 316 -13.19 30.86 -23.96
N GLU A 317 -12.07 30.87 -23.24
CA GLU A 317 -10.89 30.15 -23.69
C GLU A 317 -10.81 28.70 -23.14
N ILE A 318 -11.82 28.28 -22.39
CA ILE A 318 -11.76 27.04 -21.68
C ILE A 318 -11.45 25.81 -22.62
N ASN A 319 -12.03 25.79 -23.81
CA ASN A 319 -11.79 24.66 -24.71
C ASN A 319 -10.40 24.69 -25.36
N ASP A 320 -9.86 25.89 -25.54
CA ASP A 320 -8.45 26.01 -25.91
C ASP A 320 -7.51 25.52 -24.81
N ILE A 321 -7.81 25.83 -23.56
CA ILE A 321 -6.99 25.38 -22.42
C ILE A 321 -7.05 23.87 -22.38
N ILE A 322 -8.20 23.30 -22.70
CA ILE A 322 -8.36 21.83 -22.52
C ILE A 322 -7.48 21.14 -23.56
N ASP A 323 -7.47 21.67 -24.78
CA ASP A 323 -6.54 21.13 -25.80
C ASP A 323 -5.07 21.37 -25.46
N GLU A 324 -4.71 22.52 -24.87
CA GLU A 324 -3.32 22.70 -24.46
C GLU A 324 -2.93 21.69 -23.44
N MET A 325 -3.83 21.40 -22.50
CA MET A 325 -3.54 20.46 -21.43
C MET A 325 -3.42 19.01 -21.99
N LYS A 326 -4.24 18.68 -22.97
CA LYS A 326 -4.12 17.37 -23.58
C LYS A 326 -2.84 17.23 -24.41
N ALA A 327 -2.36 18.35 -24.95
CA ALA A 327 -1.11 18.35 -25.67
C ALA A 327 0.12 18.43 -24.73
N GLY A 328 -0.05 18.42 -23.40
CA GLY A 328 1.15 18.55 -22.55
C GLY A 328 1.79 19.96 -22.59
N LYS A 329 1.04 20.95 -23.06
CA LYS A 329 1.66 22.27 -23.28
C LYS A 329 1.65 23.20 -22.05
N ILE A 330 0.96 22.87 -20.96
CA ILE A 330 0.74 23.89 -19.91
C ILE A 330 1.90 23.78 -18.87
N GLU A 331 2.57 24.89 -18.53
CA GLU A 331 3.46 24.87 -17.35
C GLU A 331 2.64 25.48 -16.23
N GLY A 332 2.59 24.79 -15.10
CA GLY A 332 1.82 25.26 -13.96
C GLY A 332 0.33 25.09 -14.25
N ARG A 333 -0.46 26.12 -13.93
CA ARG A 333 -1.90 26.08 -14.10
C ARG A 333 -2.35 27.24 -14.98
N MET A 334 -3.35 26.98 -15.82
CA MET A 334 -4.13 28.07 -16.45
C MET A 334 -5.33 28.36 -15.57
N VAL A 335 -5.58 29.64 -15.29
CA VAL A 335 -6.59 30.11 -14.37
C VAL A 335 -7.60 31.09 -15.02
N ILE A 336 -8.88 30.71 -15.03
CA ILE A 336 -9.91 31.53 -15.62
C ILE A 336 -10.05 32.75 -14.71
N ASP A 337 -10.16 33.93 -15.28
CA ASP A 337 -10.12 35.18 -14.51
C ASP A 337 -11.45 35.84 -14.76
N PHE A 338 -12.22 35.97 -13.67
CA PHE A 338 -13.56 36.56 -13.65
C PHE A 338 -13.56 38.03 -13.14
N THR A 339 -12.40 38.61 -12.88
CA THR A 339 -12.36 39.90 -12.17
C THR A 339 -12.51 41.11 -13.13
N MET B 1 26.54 -36.27 10.32
CA MET B 1 25.05 -36.35 10.58
C MET B 1 24.25 -36.31 9.22
N LYS B 2 22.96 -36.66 9.22
CA LYS B 2 22.17 -36.76 7.94
C LYS B 2 21.54 -35.39 7.63
N ALA B 3 21.63 -34.96 6.38
CA ALA B 3 20.98 -33.70 5.96
C ALA B 3 20.30 -33.83 4.57
N ALA B 4 19.25 -33.05 4.37
CA ALA B 4 18.60 -32.91 3.04
C ALA B 4 19.19 -31.71 2.37
N VAL B 5 19.80 -31.94 1.22
CA VAL B 5 20.46 -30.85 0.52
C VAL B 5 19.91 -30.68 -0.92
N VAL B 6 20.08 -29.48 -1.45
CA VAL B 6 19.83 -29.23 -2.88
C VAL B 6 20.79 -30.06 -3.73
N ARG B 7 20.26 -30.64 -4.81
CA ARG B 7 21.09 -31.52 -5.67
C ARG B 7 22.04 -30.71 -6.53
N HIS B 8 23.04 -31.39 -7.07
CA HIS B 8 24.11 -30.73 -7.81
C HIS B 8 23.52 -30.02 -9.04
N ASN B 9 22.61 -30.69 -9.73
CA ASN B 9 21.84 -30.07 -10.80
CA ASN B 9 21.87 -30.01 -10.77
C ASN B 9 20.45 -29.91 -10.20
N PRO B 10 20.06 -28.72 -9.73
CA PRO B 10 18.80 -28.68 -8.96
C PRO B 10 17.61 -29.15 -9.80
N ASP B 11 16.89 -30.17 -9.32
CA ASP B 11 15.82 -30.81 -10.10
C ASP B 11 14.48 -30.89 -9.39
N GLY B 12 14.35 -30.19 -8.27
CA GLY B 12 13.15 -30.19 -7.44
C GLY B 12 13.17 -31.07 -6.19
N TYR B 13 14.17 -31.94 -6.11
CA TYR B 13 14.24 -32.98 -5.09
C TYR B 13 15.46 -32.77 -4.20
N ALA B 14 15.50 -33.43 -3.05
CA ALA B 14 16.66 -33.37 -2.17
C ALA B 14 17.54 -34.60 -2.29
N ASP B 15 18.83 -34.40 -2.12
CA ASP B 15 19.70 -35.53 -1.81
C ASP B 15 19.79 -35.66 -0.30
N LEU B 16 19.86 -36.90 0.19
CA LEU B 16 20.11 -37.15 1.59
C LEU B 16 21.57 -37.55 1.75
N VAL B 17 22.35 -36.66 2.33
CA VAL B 17 23.81 -36.79 2.43
C VAL B 17 24.27 -36.90 3.92
N GLU B 18 25.48 -37.45 4.11
CA GLU B 18 26.24 -37.30 5.33
C GLU B 18 26.99 -35.95 5.27
N LYS B 19 26.90 -35.19 6.32
CA LYS B 19 27.52 -33.83 6.26
C LYS B 19 28.16 -33.60 7.60
N GLU B 20 29.40 -33.10 7.62
CA GLU B 20 30.00 -32.78 8.91
C GLU B 20 30.10 -31.27 9.04
N LEU B 21 29.38 -30.71 10.01
CA LEU B 21 29.37 -29.25 10.19
C LEU B 21 30.77 -28.65 10.54
N ARG B 22 31.05 -27.42 10.09
CA ARG B 22 32.24 -26.66 10.63
C ARG B 22 32.07 -26.37 12.13
N ALA B 23 33.18 -26.11 12.84
CA ALA B 23 33.13 -25.71 14.24
C ALA B 23 32.38 -24.38 14.41
N ILE B 24 31.68 -24.22 15.53
CA ILE B 24 30.94 -22.99 15.71
C ILE B 24 31.87 -21.86 16.11
N LYS B 25 31.49 -20.66 15.67
CA LYS B 25 32.16 -19.41 16.06
C LYS B 25 31.72 -18.92 17.47
N PRO B 26 32.39 -17.90 18.05
CA PRO B 26 32.07 -17.37 19.42
C PRO B 26 30.64 -16.92 19.65
N ASN B 27 29.97 -16.44 18.61
CA ASN B 27 28.58 -15.98 18.76
C ASN B 27 27.53 -16.99 18.27
N GLU B 28 27.90 -18.27 18.14
CA GLU B 28 27.04 -19.23 17.53
C GLU B 28 26.61 -20.29 18.51
N ALA B 29 25.64 -21.06 18.07
CA ALA B 29 25.28 -22.29 18.77
C ALA B 29 25.12 -23.40 17.80
N LEU B 30 25.41 -24.61 18.28
CA LEU B 30 25.18 -25.86 17.53
C LEU B 30 23.88 -26.51 18.07
N LEU B 31 22.92 -26.82 17.21
CA LEU B 31 21.70 -27.49 17.69
C LEU B 31 21.66 -28.96 17.31
N ASP B 32 20.91 -29.69 18.11
CA ASP B 32 20.45 -31.02 17.72
C ASP B 32 19.02 -30.72 17.33
N MET B 33 18.74 -30.89 16.04
CA MET B 33 17.40 -30.59 15.55
C MET B 33 16.41 -31.59 16.07
N GLU B 34 15.23 -31.09 16.39
CA GLU B 34 14.10 -32.02 16.65
C GLU B 34 13.13 -32.17 15.50
N TYR B 35 12.74 -31.02 14.93
CA TYR B 35 11.74 -30.92 13.89
C TYR B 35 12.15 -29.97 12.86
N CYS B 36 11.68 -30.19 11.63
CA CYS B 36 11.82 -29.13 10.62
C CYS B 36 10.65 -29.31 9.64
N GLY B 37 9.84 -28.28 9.48
CA GLY B 37 8.67 -28.32 8.57
C GLY B 37 9.16 -28.32 7.15
N VAL B 38 8.33 -28.86 6.23
CA VAL B 38 8.70 -28.85 4.84
C VAL B 38 7.74 -27.82 4.21
N CYS B 39 8.27 -26.86 3.48
CA CYS B 39 7.52 -25.77 2.93
C CYS B 39 7.58 -25.70 1.40
N HIS B 40 6.55 -25.10 0.77
CA HIS B 40 6.62 -24.72 -0.67
C HIS B 40 7.96 -24.01 -1.05
N THR B 41 8.49 -23.18 -0.14
CA THR B 41 9.73 -22.45 -0.44
C THR B 41 10.93 -23.40 -0.61
N ASP B 42 11.00 -24.46 0.21
CA ASP B 42 11.95 -25.55 0.01
C ASP B 42 11.86 -26.14 -1.38
N LEU B 43 10.62 -26.40 -1.87
CA LEU B 43 10.44 -26.95 -3.25
C LEU B 43 11.04 -26.00 -4.30
N HIS B 44 10.73 -24.69 -4.17
CA HIS B 44 11.25 -23.66 -5.07
C HIS B 44 12.76 -23.64 -5.04
N VAL B 45 13.33 -23.61 -3.84
CA VAL B 45 14.81 -23.61 -3.69
C VAL B 45 15.36 -24.90 -4.30
N ALA B 46 14.76 -26.04 -4.00
CA ALA B 46 15.36 -27.31 -4.54
C ALA B 46 15.24 -27.35 -6.07
N ALA B 47 14.17 -26.73 -6.61
CA ALA B 47 13.98 -26.63 -8.10
C ALA B 47 14.95 -25.69 -8.90
N GLY B 48 15.74 -24.88 -8.20
CA GLY B 48 16.60 -23.89 -8.86
C GLY B 48 15.86 -22.58 -9.15
N ASP B 49 14.60 -22.44 -8.70
CA ASP B 49 13.79 -21.21 -8.98
C ASP B 49 14.48 -19.92 -8.57
N PHE B 50 15.42 -19.98 -7.61
CA PHE B 50 16.07 -18.74 -7.16
C PHE B 50 17.54 -18.82 -7.33
N GLY B 51 17.95 -19.66 -8.25
CA GLY B 51 19.35 -19.80 -8.48
C GLY B 51 19.75 -21.18 -8.01
N ASN B 52 20.97 -21.51 -8.38
CA ASN B 52 21.53 -22.80 -8.16
C ASN B 52 22.12 -22.82 -6.74
N LYS B 53 21.44 -23.50 -5.81
CA LYS B 53 21.92 -23.54 -4.45
C LYS B 53 22.45 -24.94 -4.09
N ALA B 54 23.12 -25.59 -5.05
CA ALA B 54 23.56 -27.00 -4.89
C ALA B 54 24.28 -27.21 -3.56
N GLY B 55 23.86 -28.20 -2.78
CA GLY B 55 24.63 -28.64 -1.60
C GLY B 55 24.17 -27.93 -0.34
N THR B 56 23.32 -26.93 -0.51
CA THR B 56 22.84 -26.15 0.64
C THR B 56 21.83 -27.00 1.41
N VAL B 57 21.97 -27.04 2.72
CA VAL B 57 21.01 -27.82 3.52
C VAL B 57 19.66 -27.06 3.53
N LEU B 58 18.57 -27.76 3.25
CA LEU B 58 17.24 -27.15 3.18
C LEU B 58 16.60 -26.85 4.56
N GLY B 59 15.41 -26.20 4.54
CA GLY B 59 14.64 -26.09 5.80
C GLY B 59 14.76 -24.74 6.51
N HIS B 60 13.63 -24.08 6.74
CA HIS B 60 13.68 -22.82 7.52
C HIS B 60 12.51 -22.91 8.46
N GLU B 61 12.07 -24.10 8.83
CA GLU B 61 10.99 -24.22 9.85
C GLU B 61 11.53 -25.14 10.94
N GLY B 62 12.76 -24.84 11.36
CA GLY B 62 13.42 -25.77 12.28
C GLY B 62 13.22 -25.43 13.73
N ILE B 63 13.13 -26.50 14.52
CA ILE B 63 13.06 -26.45 15.98
C ILE B 63 14.15 -27.37 16.57
N GLY B 64 14.97 -26.84 17.47
CA GLY B 64 16.12 -27.63 17.89
C GLY B 64 16.56 -27.31 19.30
N ILE B 65 17.41 -28.18 19.86
CA ILE B 65 17.95 -28.00 21.25
C ILE B 65 19.42 -27.66 21.22
N VAL B 66 19.81 -26.65 21.99
CA VAL B 66 21.16 -26.12 21.89
C VAL B 66 22.10 -27.17 22.57
N LYS B 67 23.16 -27.60 21.87
CA LYS B 67 24.04 -28.73 22.29
C LYS B 67 25.33 -28.09 22.73
N GLU B 68 25.66 -26.94 22.15
CA GLU B 68 26.94 -26.25 22.37
C GLU B 68 26.71 -24.76 22.12
N ILE B 69 27.41 -23.89 22.87
CA ILE B 69 27.44 -22.43 22.63
C ILE B 69 28.86 -21.92 22.50
N GLY B 70 29.06 -20.88 21.70
CA GLY B 70 30.35 -20.22 21.57
C GLY B 70 30.62 -19.42 22.84
N ALA B 71 31.86 -18.96 22.98
CA ALA B 71 32.38 -18.36 24.24
C ALA B 71 31.76 -16.97 24.56
N ASP B 72 31.20 -16.31 23.55
CA ASP B 72 30.62 -14.98 23.70
C ASP B 72 29.09 -15.02 23.86
N VAL B 73 28.50 -16.22 23.84
CA VAL B 73 27.00 -16.34 23.88
C VAL B 73 26.44 -16.21 25.30
N SER B 74 25.54 -15.25 25.52
CA SER B 74 24.81 -15.11 26.82
C SER B 74 23.30 -15.30 26.69
N SER B 75 22.77 -15.11 25.47
CA SER B 75 21.32 -15.31 25.23
C SER B 75 20.82 -16.75 25.35
N LEU B 76 21.64 -17.72 24.99
CA LEU B 76 21.21 -19.12 25.02
C LEU B 76 22.14 -19.87 25.90
N GLN B 77 21.61 -20.95 26.48
CA GLN B 77 22.44 -21.88 27.21
C GLN B 77 22.08 -23.26 26.68
N VAL B 78 23.03 -24.17 26.83
CA VAL B 78 22.84 -25.55 26.44
C VAL B 78 21.51 -26.03 26.99
N GLY B 79 20.73 -26.75 26.19
CA GLY B 79 19.47 -27.26 26.72
C GLY B 79 18.25 -26.41 26.30
N ASP B 80 18.47 -25.15 25.90
CA ASP B 80 17.37 -24.33 25.35
C ASP B 80 16.79 -24.85 24.02
N ARG B 81 15.48 -24.73 23.87
CA ARG B 81 14.79 -25.01 22.61
C ARG B 81 14.63 -23.72 21.80
N VAL B 82 15.22 -23.68 20.60
CA VAL B 82 15.14 -22.50 19.78
C VAL B 82 14.74 -22.83 18.36
N SER B 83 14.66 -21.78 17.54
CA SER B 83 14.12 -21.92 16.22
C SER B 83 15.15 -21.67 15.13
N VAL B 84 14.97 -22.33 13.99
CA VAL B 84 15.78 -22.02 12.75
C VAL B 84 14.78 -21.49 11.72
N ALA B 85 14.61 -20.18 11.57
CA ALA B 85 13.56 -19.66 10.65
C ALA B 85 14.13 -19.05 9.40
N TRP B 86 13.26 -18.61 8.48
CA TRP B 86 13.68 -17.98 7.23
C TRP B 86 14.58 -16.85 7.49
N PHE B 87 14.19 -16.02 8.46
CA PHE B 87 15.07 -14.90 8.76
C PHE B 87 16.06 -15.52 9.78
N PHE B 88 17.26 -15.80 9.29
CA PHE B 88 18.30 -16.56 10.03
C PHE B 88 19.28 -15.59 10.66
N GLU B 89 19.73 -14.60 9.91
CA GLU B 89 20.59 -13.53 10.43
C GLU B 89 20.44 -12.24 9.65
N GLY B 90 20.48 -11.08 10.33
CA GLY B 90 20.65 -9.81 9.67
C GLY B 90 21.92 -9.19 10.17
N CYS B 91 22.35 -8.12 9.53
CA CYS B 91 23.66 -7.54 9.83
C CYS B 91 23.63 -6.83 11.20
N GLY B 92 22.53 -6.20 11.57
CA GLY B 92 22.33 -5.65 12.93
C GLY B 92 22.51 -4.14 12.90
N HIS B 93 23.20 -3.63 11.87
CA HIS B 93 23.55 -2.22 11.95
C HIS B 93 23.06 -1.36 10.79
N CYS B 94 22.29 -1.94 9.84
CA CYS B 94 21.87 -1.08 8.69
C CYS B 94 20.58 -0.39 9.00
N GLU B 95 20.06 0.34 8.00
CA GLU B 95 18.86 1.11 8.24
C GLU B 95 17.73 0.21 8.53
N TYR B 96 17.69 -0.93 7.85
CA TYR B 96 16.50 -1.82 8.08
C TYR B 96 16.57 -2.47 9.44
N CYS B 97 17.76 -3.02 9.77
CA CYS B 97 17.96 -3.60 11.10
C CYS B 97 17.69 -2.64 12.23
N VAL B 98 18.26 -1.45 12.18
CA VAL B 98 18.16 -0.56 13.32
C VAL B 98 16.76 0.08 13.41
N SER B 99 16.05 0.18 12.27
CA SER B 99 14.75 0.89 12.31
C SER B 99 13.68 -0.04 12.83
N GLY B 100 14.06 -1.26 13.11
CA GLY B 100 13.07 -2.28 13.45
C GLY B 100 12.45 -3.11 12.31
N ASN B 101 13.10 -3.18 11.16
CA ASN B 101 12.53 -3.89 10.01
C ASN B 101 13.56 -4.90 9.45
N GLU B 102 14.20 -5.65 10.38
CA GLU B 102 15.36 -6.44 10.00
C GLU B 102 15.12 -7.52 8.88
N THR B 103 13.88 -7.97 8.57
CA THR B 103 13.69 -9.03 7.49
C THR B 103 14.15 -8.44 6.15
N PHE B 104 14.22 -7.11 6.07
CA PHE B 104 14.64 -6.41 4.81
C PHE B 104 16.10 -6.08 4.70
N CYS B 105 16.87 -6.45 5.72
CA CYS B 105 18.31 -6.29 5.67
C CYS B 105 18.84 -6.80 4.33
N ARG B 106 19.60 -5.96 3.67
CA ARG B 106 20.15 -6.32 2.37
C ARG B 106 21.22 -7.44 2.48
N GLU B 107 21.72 -7.68 3.72
CA GLU B 107 22.74 -8.69 3.95
CA GLU B 107 22.77 -8.66 4.03
C GLU B 107 22.11 -9.86 4.68
N VAL B 108 20.81 -9.98 4.58
CA VAL B 108 20.07 -11.02 5.31
C VAL B 108 20.61 -12.40 4.87
N LYS B 109 20.65 -13.36 5.80
CA LYS B 109 20.90 -14.79 5.52
C LYS B 109 19.56 -15.51 5.75
N ASN B 110 19.09 -16.28 4.76
CA ASN B 110 17.86 -17.01 4.88
C ASN B 110 18.15 -18.48 4.94
N ALA B 111 17.56 -19.16 5.94
CA ALA B 111 17.81 -20.57 6.22
C ALA B 111 17.26 -21.47 5.09
N GLY B 112 18.06 -22.44 4.64
CA GLY B 112 17.71 -23.26 3.54
C GLY B 112 17.78 -22.64 2.17
N TYR B 113 18.36 -21.43 2.08
CA TYR B 113 18.49 -20.74 0.81
C TYR B 113 19.91 -20.17 0.70
N SER B 114 20.22 -19.13 1.49
CA SER B 114 21.54 -18.49 1.32
C SER B 114 22.42 -18.94 2.47
N VAL B 115 21.90 -19.77 3.38
CA VAL B 115 22.75 -20.36 4.43
C VAL B 115 22.16 -21.77 4.74
N ASP B 116 22.93 -22.67 5.31
CA ASP B 116 22.41 -24.04 5.56
C ASP B 116 21.28 -23.86 6.54
N GLY B 117 20.23 -24.64 6.34
CA GLY B 117 19.03 -24.69 7.22
C GLY B 117 18.85 -25.80 8.22
N GLY B 118 17.62 -25.97 8.63
CA GLY B 118 17.37 -26.90 9.71
C GLY B 118 16.91 -28.26 9.28
N MET B 119 16.88 -28.56 7.97
CA MET B 119 16.42 -29.92 7.58
C MET B 119 17.60 -30.93 7.64
N ALA B 120 18.14 -31.12 8.85
CA ALA B 120 19.28 -31.97 9.05
C ALA B 120 19.24 -32.32 10.55
N GLU B 121 19.98 -33.35 10.93
CA GLU B 121 20.04 -33.74 12.31
C GLU B 121 20.72 -32.67 13.19
N GLU B 122 21.60 -31.89 12.57
CA GLU B 122 22.25 -30.81 13.33
C GLU B 122 22.21 -29.51 12.53
N ALA B 123 22.19 -28.39 13.23
CA ALA B 123 22.36 -27.12 12.58
C ALA B 123 23.13 -26.12 13.45
N ILE B 124 23.90 -25.25 12.79
CA ILE B 124 24.50 -24.07 13.40
C ILE B 124 23.57 -22.85 13.27
N VAL B 125 23.47 -22.07 14.35
CA VAL B 125 22.69 -20.84 14.31
C VAL B 125 23.53 -19.75 14.92
N VAL B 126 23.22 -18.49 14.57
CA VAL B 126 23.76 -17.36 15.35
C VAL B 126 22.92 -17.18 16.62
N ALA B 127 23.52 -17.31 17.81
CA ALA B 127 22.68 -17.48 19.05
C ALA B 127 21.61 -16.44 19.24
N ASP B 128 22.00 -15.18 19.05
CA ASP B 128 21.09 -14.05 19.31
C ASP B 128 19.96 -13.96 18.27
N TYR B 129 20.01 -14.81 17.23
CA TYR B 129 19.00 -14.81 16.19
C TYR B 129 18.18 -16.04 16.20
N ALA B 130 18.51 -17.01 17.06
CA ALA B 130 17.68 -18.20 17.14
C ALA B 130 16.63 -18.01 18.27
N VAL B 131 15.38 -17.72 17.87
CA VAL B 131 14.38 -17.24 18.85
C VAL B 131 13.97 -18.42 19.66
N LYS B 132 13.87 -18.24 20.99
CA LYS B 132 13.47 -19.34 21.88
C LYS B 132 12.01 -19.74 21.71
N VAL B 133 11.74 -21.03 21.87
CA VAL B 133 10.38 -21.54 21.79
C VAL B 133 9.79 -21.52 23.21
N PRO B 134 8.62 -20.89 23.41
CA PRO B 134 8.18 -20.81 24.82
C PRO B 134 7.76 -22.15 25.33
N ASP B 135 7.90 -22.38 26.64
CA ASP B 135 7.36 -23.57 27.28
C ASP B 135 5.84 -23.35 27.24
N GLY B 136 5.10 -24.40 26.96
CA GLY B 136 3.68 -24.24 26.76
C GLY B 136 3.39 -24.39 25.29
N LEU B 137 4.39 -24.19 24.41
CA LEU B 137 4.10 -24.34 22.99
C LEU B 137 4.64 -25.69 22.47
N ASP B 138 3.72 -26.59 22.09
CA ASP B 138 4.10 -27.87 21.50
C ASP B 138 5.20 -27.70 20.42
N PRO B 139 6.31 -28.45 20.48
CA PRO B 139 7.34 -27.99 19.51
C PRO B 139 7.05 -28.31 18.06
N ILE B 140 6.17 -29.26 17.81
CA ILE B 140 5.80 -29.59 16.43
C ILE B 140 4.95 -28.44 15.88
N GLU B 141 4.06 -27.93 16.71
CA GLU B 141 3.31 -26.72 16.31
C GLU B 141 4.26 -25.54 16.17
N ALA B 142 5.23 -25.44 17.08
CA ALA B 142 6.16 -24.26 16.91
C ALA B 142 6.82 -24.24 15.52
N SER B 143 7.19 -25.40 14.97
CA SER B 143 7.85 -25.42 13.61
C SER B 143 7.04 -24.68 12.55
N SER B 144 5.70 -24.83 12.60
CA SER B 144 4.84 -24.14 11.64
CA SER B 144 4.77 -24.16 11.67
C SER B 144 4.68 -22.66 11.97
N ILE B 145 4.71 -22.29 13.26
CA ILE B 145 4.67 -20.81 13.64
C ILE B 145 5.89 -20.04 13.14
N THR B 146 7.04 -20.73 12.94
CA THR B 146 8.23 -20.03 12.45
C THR B 146 8.06 -19.53 11.05
N CYS B 147 7.10 -20.07 10.30
CA CYS B 147 6.87 -19.56 8.95
C CYS B 147 5.42 -19.10 8.72
N ALA B 148 4.49 -20.05 8.49
CA ALA B 148 3.05 -19.70 8.31
C ALA B 148 2.53 -18.82 9.47
N GLY B 149 2.93 -19.14 10.71
CA GLY B 149 2.40 -18.44 11.87
C GLY B 149 2.83 -17.00 12.00
N VAL B 150 4.14 -16.76 12.01
CA VAL B 150 4.65 -15.43 12.09
C VAL B 150 4.25 -14.63 10.80
N THR B 151 4.21 -15.29 9.64
CA THR B 151 3.79 -14.57 8.44
C THR B 151 2.35 -13.97 8.56
N THR B 152 1.40 -14.82 8.90
CA THR B 152 0.00 -14.38 9.00
C THR B 152 -0.20 -13.40 10.19
N TYR B 153 0.49 -13.60 11.35
CA TYR B 153 0.40 -12.70 12.49
C TYR B 153 0.90 -11.32 12.06
N LYS B 154 2.08 -11.33 11.48
CA LYS B 154 2.67 -10.03 11.05
C LYS B 154 1.82 -9.37 9.92
N ALA B 155 1.30 -10.18 8.99
CA ALA B 155 0.45 -9.62 7.91
C ALA B 155 -0.78 -8.89 8.51
N ILE B 156 -1.33 -9.49 9.59
CA ILE B 156 -2.51 -8.94 10.22
C ILE B 156 -2.15 -7.65 10.98
N LYS B 157 -0.92 -7.58 11.57
CA LYS B 157 -0.36 -6.33 12.05
C LYS B 157 -0.29 -5.24 11.01
N VAL B 158 0.35 -5.55 9.87
CA VAL B 158 0.47 -4.69 8.73
C VAL B 158 -0.90 -4.25 8.21
N SER B 159 -1.93 -5.11 8.27
CA SER B 159 -3.25 -4.68 7.79
C SER B 159 -3.83 -3.42 8.52
N GLY B 160 -3.43 -3.22 9.79
CA GLY B 160 -3.97 -2.14 10.62
C GLY B 160 -5.35 -2.46 11.19
N VAL B 161 -5.88 -3.69 11.02
CA VAL B 161 -7.15 -4.14 11.64
C VAL B 161 -7.14 -3.89 13.16
N LYS B 162 -8.30 -3.49 13.73
CA LYS B 162 -8.38 -3.18 15.14
C LYS B 162 -9.64 -3.92 15.63
N PRO B 163 -9.76 -4.14 16.95
CA PRO B 163 -10.92 -4.88 17.45
C PRO B 163 -12.16 -4.32 16.87
N GLY B 164 -13.04 -5.23 16.47
CA GLY B 164 -14.35 -4.87 15.97
C GLY B 164 -14.40 -4.58 14.48
N ASP B 165 -13.26 -4.47 13.82
CA ASP B 165 -13.29 -4.27 12.32
C ASP B 165 -13.63 -5.63 11.66
N TRP B 166 -14.20 -5.59 10.46
CA TRP B 166 -14.27 -6.77 9.57
C TRP B 166 -13.00 -6.98 8.79
N GLN B 167 -12.52 -8.23 8.73
CA GLN B 167 -11.41 -8.53 7.91
C GLN B 167 -11.84 -9.80 7.14
N VAL B 168 -11.46 -9.88 5.87
CA VAL B 168 -11.69 -11.09 5.13
C VAL B 168 -10.38 -11.78 4.77
N ILE B 169 -10.41 -13.12 4.77
CA ILE B 169 -9.26 -13.91 4.46
C ILE B 169 -9.69 -14.64 3.19
N PHE B 170 -8.90 -14.46 2.15
CA PHE B 170 -9.14 -15.10 0.90
C PHE B 170 -8.24 -16.28 0.87
N GLY B 171 -8.84 -17.46 0.96
CA GLY B 171 -8.05 -18.71 0.99
C GLY B 171 -8.14 -19.24 2.40
N ALA B 172 -8.98 -20.26 2.60
CA ALA B 172 -9.29 -20.86 3.91
C ALA B 172 -8.33 -21.95 4.44
N GLY B 173 -7.67 -22.67 3.54
CA GLY B 173 -6.68 -23.63 3.93
C GLY B 173 -5.32 -23.02 3.78
N GLY B 174 -4.31 -23.85 4.04
CA GLY B 174 -2.91 -23.39 4.05
C GLY B 174 -2.74 -22.31 5.13
N LEU B 175 -2.19 -21.18 4.68
CA LEU B 175 -1.91 -20.05 5.57
C LEU B 175 -3.18 -19.46 6.11
N GLY B 176 -4.23 -19.58 5.31
CA GLY B 176 -5.53 -18.99 5.62
C GLY B 176 -6.07 -19.47 6.96
N ASN B 177 -5.83 -20.75 7.23
CA ASN B 177 -6.25 -21.40 8.46
C ASN B 177 -5.71 -20.64 9.70
N LEU B 178 -4.42 -20.36 9.69
CA LEU B 178 -3.76 -19.70 10.78
C LEU B 178 -4.11 -18.21 10.74
N ALA B 179 -4.23 -17.62 9.54
CA ALA B 179 -4.67 -16.21 9.43
C ALA B 179 -6.02 -16.02 10.18
N ILE B 180 -7.00 -16.92 9.91
CA ILE B 180 -8.32 -16.88 10.58
C ILE B 180 -8.23 -16.95 12.12
N GLN B 181 -7.35 -17.84 12.59
CA GLN B 181 -7.22 -18.04 14.03
C GLN B 181 -6.60 -16.77 14.62
N TYR B 182 -5.53 -16.22 14.06
CA TYR B 182 -4.97 -14.99 14.63
C TYR B 182 -5.97 -13.85 14.58
N ALA B 183 -6.58 -13.60 13.39
CA ALA B 183 -7.51 -12.50 13.21
C ALA B 183 -8.59 -12.55 14.27
N LYS B 184 -9.19 -13.71 14.48
CA LYS B 184 -10.32 -13.89 15.43
C LYS B 184 -9.89 -13.96 16.89
N ASN B 185 -8.94 -14.83 17.18
CA ASN B 185 -8.57 -15.13 18.58
C ASN B 185 -7.57 -14.18 19.24
N VAL B 186 -6.79 -13.46 18.43
CA VAL B 186 -5.72 -12.57 18.92
C VAL B 186 -6.15 -11.10 18.71
N PHE B 187 -6.60 -10.77 17.52
CA PHE B 187 -6.78 -9.32 17.20
C PHE B 187 -8.23 -8.90 17.40
N GLY B 188 -9.15 -9.84 17.58
CA GLY B 188 -10.55 -9.45 17.89
C GLY B 188 -11.33 -8.89 16.69
N ALA B 189 -10.89 -9.21 15.48
CA ALA B 189 -11.62 -8.82 14.26
C ALA B 189 -12.87 -9.70 14.12
N LYS B 190 -13.89 -9.21 13.40
CA LYS B 190 -14.98 -10.05 12.81
C LYS B 190 -14.43 -10.61 11.52
N VAL B 191 -14.57 -11.93 11.29
CA VAL B 191 -13.81 -12.60 10.21
C VAL B 191 -14.73 -13.26 9.15
N ILE B 192 -14.44 -12.98 7.90
CA ILE B 192 -15.07 -13.63 6.76
C ILE B 192 -13.99 -14.44 6.08
N ALA B 193 -14.31 -15.70 5.76
CA ALA B 193 -13.40 -16.56 5.06
C ALA B 193 -14.00 -16.87 3.67
N VAL B 194 -13.19 -16.76 2.63
CA VAL B 194 -13.72 -16.90 1.28
C VAL B 194 -12.93 -18.03 0.66
N ASP B 195 -13.63 -19.03 0.12
CA ASP B 195 -12.95 -20.08 -0.63
C ASP B 195 -13.86 -20.85 -1.62
N ILE B 196 -13.23 -21.44 -2.64
CA ILE B 196 -13.93 -22.27 -3.66
C ILE B 196 -14.39 -23.62 -3.06
N ASN B 197 -13.73 -24.03 -1.97
CA ASN B 197 -13.92 -25.35 -1.33
C ASN B 197 -14.74 -25.32 -0.04
N GLN B 198 -15.93 -25.94 -0.10
CA GLN B 198 -16.85 -26.02 1.04
C GLN B 198 -16.30 -26.75 2.28
N ASP B 199 -15.49 -27.78 2.08
CA ASP B 199 -14.94 -28.55 3.20
C ASP B 199 -14.17 -27.63 4.13
N LYS B 200 -13.15 -26.99 3.56
CA LYS B 200 -12.29 -26.00 4.23
C LYS B 200 -13.04 -24.83 4.86
N LEU B 201 -14.06 -24.32 4.18
CA LEU B 201 -14.91 -23.28 4.75
C LEU B 201 -15.62 -23.81 5.98
N ASN B 202 -16.11 -25.07 5.91
CA ASN B 202 -16.75 -25.74 7.06
C ASN B 202 -15.75 -25.86 8.23
N LEU B 203 -14.48 -26.06 7.89
CA LEU B 203 -13.46 -26.07 8.91
C LEU B 203 -13.21 -24.64 9.46
N ALA B 204 -13.11 -23.65 8.56
CA ALA B 204 -12.90 -22.24 8.99
C ALA B 204 -13.98 -21.85 10.01
N LYS B 205 -15.18 -22.40 9.80
CA LYS B 205 -16.29 -22.02 10.62
C LYS B 205 -16.01 -22.52 12.02
N LYS B 206 -15.36 -23.68 12.10
CA LYS B 206 -15.08 -24.34 13.36
C LYS B 206 -14.02 -23.58 14.16
N ILE B 207 -13.07 -22.96 13.46
CA ILE B 207 -11.92 -22.29 14.10
C ILE B 207 -12.04 -20.78 14.19
N GLY B 208 -13.27 -20.29 14.03
CA GLY B 208 -13.60 -18.90 14.32
C GLY B 208 -13.85 -17.92 13.18
N ALA B 209 -14.25 -18.38 12.00
CA ALA B 209 -14.71 -17.45 10.97
C ALA B 209 -16.15 -17.14 11.37
N ASP B 210 -16.54 -15.87 11.38
CA ASP B 210 -17.95 -15.50 11.64
C ASP B 210 -18.78 -15.79 10.41
N VAL B 211 -18.19 -15.65 9.21
CA VAL B 211 -19.00 -15.83 8.00
C VAL B 211 -18.12 -16.56 7.03
N THR B 212 -18.67 -17.51 6.29
CA THR B 212 -17.92 -18.18 5.20
C THR B 212 -18.67 -17.93 3.87
N ILE B 213 -17.92 -17.86 2.78
CA ILE B 213 -18.48 -17.51 1.46
C ILE B 213 -17.81 -18.46 0.48
N ASN B 214 -18.64 -19.30 -0.14
CA ASN B 214 -18.16 -20.17 -1.21
C ASN B 214 -18.13 -19.37 -2.53
N SER B 215 -16.92 -19.15 -3.04
CA SER B 215 -16.72 -18.23 -4.15
C SER B 215 -17.02 -18.85 -5.51
N GLY B 216 -17.10 -20.19 -5.58
CA GLY B 216 -17.56 -20.90 -6.79
C GLY B 216 -19.06 -20.79 -6.95
N ASP B 217 -19.78 -20.67 -5.82
CA ASP B 217 -21.25 -20.59 -5.86
C ASP B 217 -21.83 -19.15 -5.96
N VAL B 218 -21.02 -18.13 -5.63
CA VAL B 218 -21.46 -16.70 -5.72
C VAL B 218 -20.32 -15.72 -6.12
N ASN B 219 -20.66 -14.46 -6.43
CA ASN B 219 -19.59 -13.45 -6.39
C ASN B 219 -19.36 -13.04 -4.91
N PRO B 220 -18.13 -13.25 -4.42
CA PRO B 220 -17.83 -12.87 -3.04
C PRO B 220 -17.97 -11.35 -2.78
N VAL B 221 -17.60 -10.53 -3.75
CA VAL B 221 -17.58 -9.13 -3.49
C VAL B 221 -18.96 -8.60 -3.03
N ASP B 222 -20.03 -8.91 -3.80
CA ASP B 222 -21.40 -8.47 -3.42
C ASP B 222 -21.86 -8.97 -2.08
N GLU B 223 -21.56 -10.22 -1.74
CA GLU B 223 -21.95 -10.69 -0.41
C GLU B 223 -21.14 -9.98 0.71
N ILE B 224 -19.86 -9.72 0.45
CA ILE B 224 -18.98 -9.07 1.45
C ILE B 224 -19.53 -7.68 1.72
N LYS B 225 -19.83 -6.92 0.66
CA LYS B 225 -20.46 -5.64 0.81
C LYS B 225 -21.74 -5.74 1.70
N LYS B 226 -22.66 -6.67 1.40
CA LYS B 226 -23.88 -6.90 2.25
C LYS B 226 -23.55 -7.22 3.72
N ILE B 227 -22.76 -8.25 3.98
CA ILE B 227 -22.32 -8.57 5.36
C ILE B 227 -21.80 -7.39 6.20
N THR B 228 -21.02 -6.52 5.57
CA THR B 228 -20.38 -5.43 6.30
C THR B 228 -21.29 -4.20 6.38
N GLY B 229 -22.41 -4.26 5.66
CA GLY B 229 -23.42 -3.18 5.70
C GLY B 229 -23.33 -2.18 4.57
N GLY B 230 -22.88 -2.64 3.40
CA GLY B 230 -22.74 -1.77 2.22
C GLY B 230 -21.30 -1.38 1.88
N LEU B 231 -20.44 -1.13 2.87
CA LEU B 231 -19.13 -0.51 2.57
C LEU B 231 -17.96 -1.42 2.14
N GLY B 232 -17.86 -2.60 2.74
CA GLY B 232 -16.72 -3.49 2.51
C GLY B 232 -16.01 -3.74 3.83
N VAL B 233 -14.92 -4.49 3.77
CA VAL B 233 -14.12 -4.79 4.95
C VAL B 233 -13.02 -3.73 5.19
N GLN B 234 -12.48 -3.68 6.42
CA GLN B 234 -11.35 -2.79 6.70
C GLN B 234 -10.14 -3.36 6.00
N SER B 235 -10.02 -4.70 5.86
CA SER B 235 -8.79 -5.23 5.27
C SER B 235 -8.99 -6.64 4.75
N ALA B 236 -8.14 -7.06 3.85
CA ALA B 236 -8.25 -8.42 3.27
C ALA B 236 -6.86 -9.01 3.32
N ILE B 237 -6.73 -10.27 3.78
CA ILE B 237 -5.47 -10.93 3.75
C ILE B 237 -5.59 -12.01 2.66
N VAL B 238 -4.66 -12.02 1.69
CA VAL B 238 -4.80 -12.87 0.52
C VAL B 238 -3.83 -13.96 0.63
N CYS B 239 -4.42 -15.14 0.88
CA CYS B 239 -3.66 -16.35 1.08
C CYS B 239 -3.68 -17.27 -0.16
N ALA B 240 -4.71 -17.16 -1.00
CA ALA B 240 -4.88 -17.86 -2.30
C ALA B 240 -3.89 -17.40 -3.37
N VAL B 241 -3.62 -18.26 -4.37
CA VAL B 241 -2.68 -17.91 -5.44
C VAL B 241 -3.43 -17.53 -6.72
N ALA B 242 -4.75 -17.72 -6.74
CA ALA B 242 -5.48 -17.34 -7.93
C ALA B 242 -5.65 -15.82 -8.03
N ARG B 243 -5.29 -15.28 -9.18
CA ARG B 243 -5.30 -13.87 -9.42
C ARG B 243 -6.68 -13.27 -9.12
N ILE B 244 -7.73 -13.99 -9.52
CA ILE B 244 -9.11 -13.53 -9.23
C ILE B 244 -9.29 -13.22 -7.69
N ALA B 245 -8.61 -13.97 -6.81
CA ALA B 245 -8.71 -13.74 -5.34
C ALA B 245 -8.23 -12.33 -4.95
N PHE B 246 -7.07 -11.95 -5.50
CA PHE B 246 -6.46 -10.63 -5.32
C PHE B 246 -7.35 -9.52 -5.86
N GLU B 247 -7.98 -9.76 -7.01
CA GLU B 247 -8.90 -8.80 -7.61
C GLU B 247 -10.14 -8.57 -6.72
N GLN B 248 -10.71 -9.67 -6.27
CA GLN B 248 -11.89 -9.64 -5.43
C GLN B 248 -11.53 -9.01 -4.05
N ALA B 249 -10.31 -9.27 -3.56
CA ALA B 249 -9.88 -8.77 -2.26
C ALA B 249 -9.91 -7.24 -2.29
N VAL B 250 -9.25 -6.65 -3.29
CA VAL B 250 -9.19 -5.18 -3.50
C VAL B 250 -10.56 -4.57 -3.67
N ALA B 251 -11.39 -5.20 -4.52
CA ALA B 251 -12.73 -4.78 -4.80
C ALA B 251 -13.62 -4.81 -3.54
N SER B 252 -13.26 -5.64 -2.55
CA SER B 252 -14.08 -5.77 -1.36
C SER B 252 -13.78 -4.73 -0.22
N LEU B 253 -12.75 -3.87 -0.40
CA LEU B 253 -12.30 -3.01 0.68
C LEU B 253 -13.23 -1.88 0.80
N LYS B 254 -13.46 -1.43 2.02
CA LYS B 254 -14.17 -0.20 2.23
C LYS B 254 -13.14 0.94 1.99
N PRO B 255 -13.58 2.20 1.90
CA PRO B 255 -12.56 3.24 1.71
C PRO B 255 -11.50 3.28 2.81
N MET B 256 -10.25 3.52 2.38
CA MET B 256 -9.00 3.43 3.18
C MET B 256 -8.70 2.04 3.68
N GLY B 257 -9.43 1.06 3.14
CA GLY B 257 -9.17 -0.33 3.40
C GLY B 257 -7.83 -0.78 2.82
N LYS B 258 -7.30 -1.86 3.40
CA LYS B 258 -5.98 -2.32 3.03
C LYS B 258 -5.95 -3.80 2.70
N MET B 259 -5.39 -4.16 1.54
CA MET B 259 -5.21 -5.57 1.15
C MET B 259 -3.77 -5.94 1.47
N VAL B 260 -3.53 -7.02 2.19
CA VAL B 260 -2.12 -7.47 2.47
C VAL B 260 -2.00 -8.87 1.79
N ALA B 261 -1.16 -8.96 0.78
CA ALA B 261 -0.87 -10.24 0.14
C ALA B 261 0.16 -11.02 0.98
N VAL B 262 -0.11 -12.31 1.18
CA VAL B 262 0.90 -13.23 1.73
C VAL B 262 1.34 -14.34 0.72
N ALA B 263 0.57 -14.56 -0.30
CA ALA B 263 0.87 -15.37 -1.50
C ALA B 263 1.03 -14.42 -2.69
N VAL B 264 1.53 -14.93 -3.80
CA VAL B 264 1.69 -14.11 -5.01
C VAL B 264 0.84 -14.80 -6.09
N PRO B 265 0.18 -14.01 -6.94
CA PRO B 265 -0.73 -14.61 -7.95
C PRO B 265 0.03 -15.29 -9.10
N ASN B 266 -0.61 -16.31 -9.68
CA ASN B 266 -0.04 -17.07 -10.80
C ASN B 266 0.00 -16.25 -12.08
N THR B 267 -0.86 -15.25 -12.21
CA THR B 267 -0.71 -14.28 -13.32
C THR B 267 -0.86 -12.85 -12.78
N GLU B 268 -0.26 -11.87 -13.48
CA GLU B 268 -0.17 -10.47 -12.95
C GLU B 268 -1.49 -9.81 -12.54
N MET B 269 -1.48 -9.10 -11.42
CA MET B 269 -2.67 -8.44 -10.86
C MET B 269 -2.77 -7.00 -11.44
N THR B 270 -3.97 -6.46 -11.63
CA THR B 270 -4.12 -5.06 -12.05
C THR B 270 -4.95 -4.30 -11.01
N LEU B 271 -4.81 -2.98 -10.95
CA LEU B 271 -5.60 -2.14 -10.05
C LEU B 271 -6.19 -1.09 -10.97
N SER B 272 -7.42 -0.65 -10.70
CA SER B 272 -7.97 0.43 -11.45
C SER B 272 -7.58 1.70 -10.69
N VAL B 273 -6.93 2.61 -11.40
CA VAL B 273 -6.31 3.74 -10.71
C VAL B 273 -7.42 4.67 -10.16
N PRO B 274 -8.44 5.02 -10.98
CA PRO B 274 -9.46 5.87 -10.37
C PRO B 274 -10.05 5.25 -9.11
N THR B 275 -10.21 3.95 -9.01
CA THR B 275 -10.76 3.41 -7.75
C THR B 275 -9.75 3.57 -6.55
N VAL B 276 -8.48 3.34 -6.83
CA VAL B 276 -7.46 3.38 -5.78
C VAL B 276 -7.46 4.82 -5.22
N VAL B 277 -7.55 5.81 -6.09
CA VAL B 277 -7.57 7.23 -5.70
C VAL B 277 -8.89 7.63 -4.97
N PHE B 278 -10.05 7.39 -5.59
CA PHE B 278 -11.31 7.88 -5.06
C PHE B 278 -11.79 7.14 -3.83
N ASP B 279 -11.28 5.91 -3.63
CA ASP B 279 -11.58 5.16 -2.40
C ASP B 279 -10.37 5.05 -1.45
N GLY B 280 -9.21 5.55 -1.86
CA GLY B 280 -8.03 5.61 -0.99
C GLY B 280 -7.58 4.28 -0.44
N VAL B 281 -7.71 3.23 -1.22
CA VAL B 281 -7.30 2.00 -0.72
C VAL B 281 -5.76 1.81 -0.79
N GLU B 282 -5.32 0.83 -0.01
CA GLU B 282 -3.90 0.56 0.14
C GLU B 282 -3.66 -0.94 -0.17
N VAL B 283 -2.58 -1.29 -0.86
CA VAL B 283 -2.21 -2.68 -1.08
C VAL B 283 -0.73 -2.82 -0.60
N ALA B 284 -0.45 -3.91 0.03
CA ALA B 284 0.85 -4.15 0.63
C ALA B 284 0.95 -5.67 0.67
N GLY B 285 2.03 -6.19 1.25
CA GLY B 285 2.09 -7.64 1.44
C GLY B 285 3.16 -7.83 2.52
N SER B 286 3.31 -9.07 2.91
CA SER B 286 4.11 -9.34 4.09
C SER B 286 4.63 -10.79 4.00
N LEU B 287 5.85 -10.94 4.51
CA LEU B 287 6.54 -12.22 4.56
C LEU B 287 7.27 -12.27 5.92
N VAL B 288 7.05 -13.36 6.65
CA VAL B 288 7.60 -13.67 7.99
C VAL B 288 7.59 -12.43 8.90
N GLY B 289 8.55 -12.28 9.82
CA GLY B 289 8.53 -11.09 10.66
C GLY B 289 9.84 -11.08 11.38
N THR B 290 10.19 -9.95 11.98
CA THR B 290 11.37 -9.87 12.87
C THR B 290 11.35 -10.93 14.02
N ARG B 291 12.46 -11.03 14.75
CA ARG B 291 12.58 -11.89 15.86
C ARG B 291 11.52 -11.64 16.94
N LEU B 292 11.13 -10.37 17.08
CA LEU B 292 10.13 -9.96 18.05
C LEU B 292 8.75 -10.35 17.56
N ASP B 293 8.46 -10.15 16.27
CA ASP B 293 7.16 -10.68 15.70
C ASP B 293 7.11 -12.19 15.91
N LEU B 294 8.27 -12.85 15.70
CA LEU B 294 8.24 -14.34 15.91
C LEU B 294 7.91 -14.71 17.39
N ALA B 295 8.60 -14.04 18.34
CA ALA B 295 8.38 -14.26 19.77
C ALA B 295 6.90 -14.09 20.13
N GLU B 296 6.31 -12.99 19.63
CA GLU B 296 4.92 -12.74 19.87
C GLU B 296 4.03 -13.88 19.28
N ALA B 297 4.32 -14.28 18.03
CA ALA B 297 3.53 -15.29 17.35
C ALA B 297 3.60 -16.59 18.11
N PHE B 298 4.79 -16.95 18.60
CA PHE B 298 4.96 -18.18 19.42
C PHE B 298 4.11 -18.09 20.68
N GLN B 299 4.11 -16.90 21.31
CA GLN B 299 3.44 -16.75 22.62
C GLN B 299 1.96 -16.98 22.43
N PHE B 300 1.39 -16.53 21.31
CA PHE B 300 -0.04 -16.78 21.14
C PHE B 300 -0.29 -18.25 20.95
N GLY B 301 0.68 -18.97 20.38
CA GLY B 301 0.49 -20.45 20.22
C GLY B 301 0.54 -21.10 21.59
N ALA B 302 1.50 -20.65 22.41
CA ALA B 302 1.76 -21.18 23.77
C ALA B 302 0.51 -20.99 24.63
N GLU B 303 -0.20 -19.89 24.46
CA GLU B 303 -1.50 -19.68 25.14
C GLU B 303 -2.68 -20.48 24.57
N GLY B 304 -2.47 -21.23 23.48
CA GLY B 304 -3.51 -21.99 22.84
C GLY B 304 -4.47 -21.16 21.99
N LYS B 305 -4.10 -19.95 21.58
CA LYS B 305 -4.97 -19.12 20.74
C LYS B 305 -4.91 -19.44 19.24
N VAL B 306 -3.80 -20.06 18.78
CA VAL B 306 -3.73 -20.61 17.45
C VAL B 306 -3.19 -22.04 17.57
N LYS B 307 -3.51 -22.86 16.59
CA LYS B 307 -3.13 -24.25 16.57
C LYS B 307 -2.99 -24.62 15.10
N PRO B 308 -1.75 -24.78 14.65
CA PRO B 308 -1.43 -25.13 13.27
C PRO B 308 -1.78 -26.60 13.04
N ILE B 309 -2.19 -26.95 11.84
CA ILE B 309 -2.36 -28.34 11.50
C ILE B 309 -0.97 -28.92 11.10
N VAL B 310 -0.47 -29.91 11.84
CA VAL B 310 0.84 -30.50 11.53
C VAL B 310 0.75 -32.02 11.58
N ALA B 311 1.62 -32.68 10.85
CA ALA B 311 1.78 -34.12 11.07
C ALA B 311 3.26 -34.36 10.90
N THR B 312 3.78 -35.41 11.54
CA THR B 312 5.20 -35.73 11.41
C THR B 312 5.51 -36.84 10.38
N ARG B 313 6.74 -36.80 9.88
CA ARG B 313 7.28 -37.74 8.92
C ARG B 313 8.79 -37.92 9.21
N LYS B 314 9.40 -38.91 8.57
CA LYS B 314 10.79 -39.21 8.78
C LYS B 314 11.59 -38.46 7.70
N LEU B 315 12.87 -38.21 7.95
CA LEU B 315 13.70 -37.46 7.01
C LEU B 315 13.75 -38.12 5.63
N GLU B 316 13.81 -39.46 5.63
CA GLU B 316 13.87 -40.29 4.42
C GLU B 316 12.69 -40.07 3.48
N GLU B 317 11.57 -39.56 4.01
CA GLU B 317 10.36 -39.26 3.19
C GLU B 317 10.38 -37.92 2.48
N ILE B 318 11.47 -37.17 2.63
CA ILE B 318 11.47 -35.81 2.07
C ILE B 318 10.93 -35.77 0.61
N ASN B 319 11.41 -36.67 -0.25
CA ASN B 319 11.02 -36.62 -1.64
C ASN B 319 9.60 -37.09 -1.90
N ASP B 320 9.09 -38.03 -1.10
CA ASP B 320 7.62 -38.30 -1.04
C ASP B 320 6.81 -37.10 -0.65
N ILE B 321 7.28 -36.36 0.35
CA ILE B 321 6.56 -35.14 0.80
C ILE B 321 6.55 -34.11 -0.31
N ILE B 322 7.68 -33.98 -1.02
CA ILE B 322 7.75 -33.04 -2.15
C ILE B 322 6.67 -33.36 -3.23
N ASP B 323 6.60 -34.61 -3.70
CA ASP B 323 5.53 -35.10 -4.61
C ASP B 323 4.11 -34.91 -4.08
N GLU B 324 3.86 -35.27 -2.83
CA GLU B 324 2.56 -34.94 -2.21
C GLU B 324 2.28 -33.43 -2.33
N MET B 325 3.28 -32.61 -2.01
CA MET B 325 3.01 -31.17 -2.07
C MET B 325 2.68 -30.65 -3.49
N LYS B 326 3.46 -31.07 -4.48
CA LYS B 326 3.19 -30.76 -5.88
C LYS B 326 1.80 -31.29 -6.27
N ALA B 327 1.44 -32.52 -5.86
CA ALA B 327 0.08 -33.09 -6.08
C ALA B 327 -1.09 -32.43 -5.29
N GLY B 328 -0.78 -31.52 -4.36
CA GLY B 328 -1.84 -30.80 -3.62
C GLY B 328 -2.48 -31.55 -2.47
N LYS B 329 -1.85 -32.64 -2.08
CA LYS B 329 -2.41 -33.56 -1.09
C LYS B 329 -2.20 -33.16 0.38
N ILE B 330 -1.48 -32.07 0.65
CA ILE B 330 -1.19 -31.78 2.06
C ILE B 330 -2.04 -30.65 2.66
N GLU B 331 -2.82 -30.99 3.69
CA GLU B 331 -3.42 -29.98 4.58
C GLU B 331 -2.37 -29.56 5.63
N GLY B 332 -2.11 -28.25 5.78
CA GLY B 332 -1.14 -27.74 6.78
C GLY B 332 0.32 -28.08 6.43
N ARG B 333 1.08 -28.60 7.38
CA ARG B 333 2.50 -28.90 7.16
C ARG B 333 2.82 -30.35 7.47
N MET B 334 3.73 -30.91 6.70
CA MET B 334 4.36 -32.15 7.10
C MET B 334 5.66 -31.72 7.76
N VAL B 335 6.02 -32.38 8.83
CA VAL B 335 7.10 -31.93 9.71
C VAL B 335 8.03 -33.13 9.92
N ILE B 336 9.24 -33.02 9.41
CA ILE B 336 10.27 -34.01 9.59
C ILE B 336 10.61 -34.07 11.06
N ASP B 337 10.68 -35.30 11.55
CA ASP B 337 10.84 -35.50 12.97
C ASP B 337 12.19 -36.21 13.16
N PHE B 338 13.15 -35.50 13.73
CA PHE B 338 14.47 -36.12 14.01
C PHE B 338 14.58 -36.82 15.34
N THR B 339 13.60 -36.64 16.21
CA THR B 339 13.73 -37.17 17.55
C THR B 339 13.81 -38.70 17.55
N LYS B 340 14.69 -39.16 18.40
CA LYS B 340 14.75 -40.54 18.80
C LYS B 340 14.47 -40.31 20.31
N LEU B 341 13.49 -41.00 20.88
CA LEU B 341 13.00 -40.83 22.28
C LEU B 341 11.74 -40.01 22.51
N GLU B 342 10.76 -40.66 23.14
CA GLU B 342 9.69 -40.04 23.91
C GLU B 342 8.25 -40.34 23.42
ZN ZN C . -19.46 11.78 5.87
ZN ZN D . -8.56 18.86 -9.25
O1 PG4 E . -15.16 4.70 -7.96
C1 PG4 E . -14.51 5.28 -9.10
C2 PG4 E . -15.29 6.45 -9.69
O2 PG4 E . -15.32 7.57 -8.80
C3 PG4 E . -15.30 8.83 -9.49
C4 PG4 E . -15.63 10.03 -8.60
O3 PG4 E . -16.65 9.64 -7.68
C5 PG4 E . -16.88 10.66 -6.74
C6 PG4 E . -16.94 10.02 -5.39
O4 PG4 E . -18.11 9.33 -5.21
C7 PG4 E . -18.41 9.22 -3.82
C8 PG4 E . -18.69 7.80 -3.33
O5 PG4 E . -19.01 7.00 -4.45
ZN ZN F . 21.01 -5.15 8.29
ZN ZN G . 7.96 -22.13 5.11
#